data_9VSP
#
_entry.id   9VSP
#
_cell.length_a   1.00
_cell.length_b   1.00
_cell.length_c   1.00
_cell.angle_alpha   90.00
_cell.angle_beta   90.00
_cell.angle_gamma   90.00
#
_symmetry.space_group_name_H-M   'P 1'
#
loop_
_entity.id
_entity.type
_entity.pdbx_description
1 polymer 'Endosomal/lysosomal proton channel TMEM175'
2 non-polymer (2S)-2-butyl-6,7-bis(chloranyl)-2-cyclopentyl-5-[3-(1H-1,2,3,4-tetrazol-5-yl)propoxy]-3H-inden-1-one
#
_entity_poly.entity_id   1
_entity_poly.type   'polypeptide(L)'
_entity_poly.pdbx_seq_one_letter_code
;MSQPRTPEQALDTPGDCPPGRRDEDAGEGIQCSQRMLSFSDALLSIIATVMILPVTHTEISPEQQFDRSVQRLLATRIAV
YLMTFLIVTVAWAAHTRLFQVVGKTDDTLALLNLACMMTITFLPYTFSLMVTFPDVPLGIFLFCVCVIAIGVVQALIVGY
AFHFPHLLSPQIQRSAHRALYRRHVLGIVLQGPALCFAAAIFSLFFVPLSYLLMVTVILLPYVSKVTGWCRDRLLGHREP
SAHPVEVFSFDLHEPLSKERVEAFSDGVYAIVATLLILDICEDNVPDPKDVKERFSGSLVAALSATGPRFLAYFGSFATV
GLLWFAHHSLFLHVRKATRAMGLLNTLSLAFVGGLPLAYQQTSAFARQPRDELERVRVSCTIIFLASIFQLAMWTTALLH
QAETLQPSVWFGGREHVLMFAKLALYPCASLLAFASTCLLSRFSVGIFHLMQIAVPCAFLLLRLLVGLALATLRVLRGLA
RPEHPPPAPTGQDDPQSQLLPAPC
;
_entity_poly.pdbx_strand_id   A,B
#
loop_
_chem_comp.id
_chem_comp.type
_chem_comp.name
_chem_comp.formula
A1ETD non-polymer (2S)-2-butyl-6,7-bis(chloranyl)-2-cyclopentyl-5-[3-(1H-1,2,3,4-tetrazol-5-yl)propoxy]-3H-inden-1-one 'C22 H28 Cl2 N4 O2'
#
# COMPACT_ATOMS: atom_id res chain seq x y z
N ILE A 30 -10.20 25.74 -5.63
CA ILE A 30 -9.13 24.90 -5.00
C ILE A 30 -9.62 23.47 -4.83
N GLN A 31 -8.77 22.63 -4.25
CA GLN A 31 -8.99 21.19 -4.24
C GLN A 31 -9.64 20.72 -2.94
N CYS A 32 -10.21 19.53 -3.00
CA CYS A 32 -10.62 18.81 -1.79
C CYS A 32 -9.43 17.99 -1.29
N SER A 33 -8.84 18.40 -0.18
CA SER A 33 -7.58 17.82 0.28
C SER A 33 -7.68 16.31 0.54
N GLN A 34 -8.89 15.79 0.78
CA GLN A 34 -9.03 14.41 1.24
C GLN A 34 -8.13 13.47 0.47
N ARG A 35 -8.35 13.35 -0.85
CA ARG A 35 -7.58 12.38 -1.62
C ARG A 35 -6.09 12.54 -1.40
N MET A 36 -5.59 13.78 -1.48
CA MET A 36 -4.16 13.99 -1.29
C MET A 36 -3.69 13.36 0.01
N LEU A 37 -4.38 13.67 1.11
CA LEU A 37 -4.00 13.09 2.40
C LEU A 37 -3.97 11.57 2.32
N SER A 38 -4.99 10.99 1.68
CA SER A 38 -4.99 9.53 1.52
C SER A 38 -3.67 9.05 0.94
N PHE A 39 -3.24 9.66 -0.16
CA PHE A 39 -1.97 9.25 -0.76
C PHE A 39 -0.85 9.32 0.27
N SER A 40 -0.77 10.43 1.01
CA SER A 40 0.24 10.53 2.05
C SER A 40 0.21 9.32 2.97
N ASP A 41 -0.98 8.96 3.44
CA ASP A 41 -1.08 7.77 4.29
C ASP A 41 -0.63 6.53 3.54
N ALA A 42 -1.09 6.37 2.30
CA ALA A 42 -0.67 5.22 1.50
C ALA A 42 0.85 5.19 1.36
N LEU A 43 1.49 6.36 1.48
CA LEU A 43 2.95 6.38 1.54
C LEU A 43 3.43 6.03 2.93
N LEU A 44 2.96 6.75 3.95
CA LEU A 44 3.52 6.59 5.28
C LEU A 44 3.40 5.17 5.77
N SER A 45 2.23 4.56 5.60
CA SER A 45 2.06 3.16 5.94
C SER A 45 3.23 2.33 5.45
N ILE A 46 3.53 2.43 4.15
CA ILE A 46 4.63 1.65 3.60
C ILE A 46 5.92 1.99 4.32
N ILE A 47 6.22 3.28 4.45
CA ILE A 47 7.45 3.69 5.15
C ILE A 47 7.43 3.16 6.58
N ALA A 48 6.26 3.16 7.21
CA ALA A 48 6.17 2.65 8.57
C ALA A 48 6.54 1.18 8.63
N THR A 49 6.12 0.40 7.62
CA THR A 49 6.26 -1.05 7.69
C THR A 49 7.51 -1.58 7.02
N VAL A 50 8.31 -0.73 6.38
CA VAL A 50 9.43 -1.24 5.56
C VAL A 50 10.35 -2.11 6.41
N MET A 51 10.72 -1.64 7.60
CA MET A 51 11.68 -2.38 8.41
C MET A 51 11.18 -3.74 8.85
N ILE A 52 9.95 -4.13 8.49
CA ILE A 52 9.52 -5.50 8.76
C ILE A 52 10.27 -6.48 7.88
N LEU A 53 10.53 -6.10 6.62
CA LEU A 53 11.02 -7.06 5.64
C LEU A 53 12.34 -7.69 6.08
N PRO A 54 13.29 -6.92 6.61
CA PRO A 54 14.51 -7.55 7.13
C PRO A 54 14.25 -8.60 8.18
N VAL A 55 13.19 -8.43 8.99
CA VAL A 55 12.86 -9.42 10.00
C VAL A 55 12.47 -10.74 9.33
N THR A 56 11.55 -10.68 8.37
CA THR A 56 11.04 -11.90 7.75
C THR A 56 12.15 -12.65 7.03
N HIS A 57 12.98 -11.94 6.26
CA HIS A 57 14.02 -12.59 5.47
C HIS A 57 15.15 -13.16 6.32
N THR A 58 15.19 -12.85 7.62
CA THR A 58 16.22 -13.39 8.48
C THR A 58 16.08 -14.90 8.60
N GLU A 59 17.21 -15.57 8.78
CA GLU A 59 17.23 -17.03 8.90
C GLU A 59 16.29 -17.50 10.01
N ARG A 68 22.99 -16.81 20.61
CA ARG A 68 23.69 -15.56 20.87
C ARG A 68 23.99 -14.82 19.57
N SER A 69 23.98 -15.55 18.45
CA SER A 69 24.22 -14.95 17.14
C SER A 69 22.92 -14.73 16.37
N VAL A 70 22.16 -15.80 16.14
CA VAL A 70 20.92 -15.67 15.38
C VAL A 70 19.83 -15.03 16.23
N GLN A 71 19.69 -15.47 17.48
CA GLN A 71 18.65 -14.92 18.34
C GLN A 71 18.91 -13.44 18.64
N ARG A 72 20.16 -13.09 18.94
CA ARG A 72 20.50 -11.70 19.20
C ARG A 72 20.22 -10.84 17.98
N LEU A 73 20.61 -11.33 16.80
CA LEU A 73 20.38 -10.56 15.57
C LEU A 73 18.89 -10.38 15.33
N LEU A 74 18.11 -11.44 15.53
CA LEU A 74 16.66 -11.35 15.35
C LEU A 74 16.07 -10.32 16.30
N ALA A 75 16.48 -10.35 17.57
CA ALA A 75 15.95 -9.39 18.54
C ALA A 75 16.33 -7.97 18.15
N THR A 76 17.56 -7.79 17.65
CA THR A 76 17.97 -6.47 17.19
C THR A 76 17.08 -5.98 16.06
N ARG A 77 16.79 -6.86 15.11
CA ARG A 77 15.90 -6.46 14.01
C ARG A 77 14.50 -6.13 14.52
N ILE A 78 13.97 -6.90 15.47
CA ILE A 78 12.65 -6.57 16.00
C ILE A 78 12.68 -5.20 16.65
N ALA A 79 13.70 -4.93 17.45
CA ALA A 79 13.79 -3.64 18.12
C ALA A 79 13.88 -2.51 17.10
N VAL A 80 14.71 -2.69 16.07
CA VAL A 80 14.85 -1.65 15.05
C VAL A 80 13.52 -1.41 14.35
N TYR A 81 12.81 -2.50 14.01
CA TYR A 81 11.52 -2.35 13.34
C TYR A 81 10.54 -1.58 14.22
N LEU A 82 10.47 -1.94 15.50
CA LEU A 82 9.52 -1.28 16.39
C LEU A 82 9.84 0.20 16.53
N MET A 83 11.12 0.53 16.71
CA MET A 83 11.50 1.92 16.86
C MET A 83 11.22 2.70 15.58
N THR A 84 11.52 2.11 14.43
CA THR A 84 11.24 2.79 13.16
C THR A 84 9.75 3.03 12.99
N PHE A 85 8.94 2.03 13.33
CA PHE A 85 7.49 2.19 13.20
C PHE A 85 6.99 3.29 14.13
N LEU A 86 7.51 3.34 15.36
CA LEU A 86 7.09 4.39 16.28
C LEU A 86 7.48 5.76 15.76
N ILE A 87 8.69 5.88 15.22
CA ILE A 87 9.16 7.17 14.70
C ILE A 87 8.29 7.62 13.54
N VAL A 88 8.04 6.71 12.60
CA VAL A 88 7.21 7.06 11.45
C VAL A 88 5.79 7.40 11.91
N THR A 89 5.29 6.71 12.95
CA THR A 89 3.96 7.03 13.46
C THR A 89 3.94 8.43 14.07
N VAL A 90 4.99 8.81 14.78
CA VAL A 90 5.06 10.16 15.34
C VAL A 90 5.06 11.19 14.22
N ALA A 91 5.86 10.95 13.18
CA ALA A 91 5.86 11.86 12.04
C ALA A 91 4.49 11.93 11.39
N TRP A 92 3.82 10.79 11.26
CA TRP A 92 2.47 10.77 10.68
C TRP A 92 1.50 11.54 11.55
N ALA A 93 1.64 11.43 12.88
CA ALA A 93 0.77 12.20 13.78
C ALA A 93 0.98 13.69 13.58
N ALA A 94 2.24 14.12 13.48
CA ALA A 94 2.51 15.52 13.23
C ALA A 94 1.90 15.96 11.91
N HIS A 95 2.03 15.14 10.88
CA HIS A 95 1.42 15.44 9.58
C HIS A 95 -0.09 15.56 9.68
N THR A 96 -0.72 14.64 10.42
CA THR A 96 -2.17 14.67 10.56
C THR A 96 -2.63 15.95 11.24
N ARG A 97 -1.94 16.34 12.32
CA ARG A 97 -2.28 17.61 12.97
C ARG A 97 -2.08 18.78 12.01
N LEU A 98 -0.95 18.78 11.30
CA LEU A 98 -0.65 19.87 10.38
C LEU A 98 -1.78 20.06 9.38
N PHE A 99 -2.20 18.98 8.72
CA PHE A 99 -3.24 19.10 7.70
C PHE A 99 -4.64 19.10 8.29
N GLN A 100 -4.78 18.84 9.59
CA GLN A 100 -6.01 19.22 10.29
C GLN A 100 -6.14 20.73 10.33
N VAL A 101 -5.03 21.42 10.64
CA VAL A 101 -5.06 22.88 10.62
C VAL A 101 -5.29 23.40 9.20
N VAL A 102 -4.61 22.81 8.22
CA VAL A 102 -4.71 23.25 6.83
C VAL A 102 -5.88 22.51 6.19
N GLY A 103 -6.99 23.21 5.97
CA GLY A 103 -8.18 22.58 5.42
C GLY A 103 -8.09 22.26 3.95
N LYS A 104 -8.04 23.29 3.10
CA LYS A 104 -8.01 23.09 1.67
C LYS A 104 -6.56 23.11 1.17
N THR A 105 -6.40 22.80 -0.12
CA THR A 105 -5.08 22.69 -0.72
C THR A 105 -5.15 23.06 -2.18
N ASP A 106 -3.98 23.37 -2.74
CA ASP A 106 -3.84 23.68 -4.17
C ASP A 106 -2.50 23.13 -4.64
N ASP A 107 -2.08 23.57 -5.82
CA ASP A 107 -0.86 23.05 -6.45
C ASP A 107 0.33 23.08 -5.49
N THR A 108 0.71 24.27 -5.03
CA THR A 108 1.93 24.40 -4.24
C THR A 108 1.86 23.60 -2.95
N LEU A 109 0.71 23.57 -2.30
CA LEU A 109 0.58 22.75 -1.10
C LEU A 109 0.79 21.28 -1.40
N ALA A 110 0.24 20.81 -2.53
CA ALA A 110 0.45 19.42 -2.91
C ALA A 110 1.93 19.13 -3.15
N LEU A 111 2.62 20.01 -3.86
CA LEU A 111 4.03 19.79 -4.13
C LEU A 111 4.84 19.79 -2.84
N LEU A 112 4.56 20.73 -1.94
CA LEU A 112 5.29 20.77 -0.68
C LEU A 112 4.99 19.54 0.17
N ASN A 113 3.75 19.05 0.12
CA ASN A 113 3.43 17.81 0.82
C ASN A 113 4.20 16.64 0.23
N LEU A 114 4.37 16.61 -1.08
CA LEU A 114 5.17 15.57 -1.71
C LEU A 114 6.63 15.65 -1.23
N ALA A 115 7.17 16.86 -1.15
CA ALA A 115 8.54 17.02 -0.66
C ALA A 115 8.64 16.57 0.79
N CYS A 116 7.64 16.91 1.60
CA CYS A 116 7.63 16.46 2.99
C CYS A 116 7.61 14.94 3.06
N MET A 117 6.79 14.31 2.22
CA MET A 117 6.75 12.86 2.18
C MET A 117 8.10 12.26 1.80
N MET A 118 8.76 12.86 0.81
CA MET A 118 10.09 12.39 0.46
C MET A 118 11.05 12.50 1.62
N THR A 119 11.01 13.58 2.38
CA THR A 119 11.85 13.71 3.56
C THR A 119 11.52 12.69 4.65
N ILE A 120 10.24 12.42 4.90
CA ILE A 120 9.88 11.39 5.88
C ILE A 120 10.33 10.01 5.40
N THR A 121 10.35 9.75 4.09
CA THR A 121 10.68 8.39 3.62
C THR A 121 12.08 7.97 4.06
N PHE A 122 12.96 8.93 4.42
CA PHE A 122 14.33 8.56 4.77
C PHE A 122 14.52 8.25 6.25
N LEU A 123 13.47 8.41 7.07
CA LEU A 123 13.63 8.11 8.48
C LEU A 123 14.01 6.66 8.76
N PRO A 124 13.38 5.66 8.16
CA PRO A 124 13.82 4.28 8.43
C PRO A 124 15.29 4.05 8.13
N TYR A 125 15.76 4.43 6.95
CA TYR A 125 17.14 4.17 6.56
C TYR A 125 18.11 4.93 7.45
N THR A 126 17.85 6.21 7.70
CA THR A 126 18.75 7.01 8.53
C THR A 126 18.80 6.46 9.94
N PHE A 127 17.64 6.09 10.49
CA PHE A 127 17.61 5.53 11.84
C PHE A 127 18.38 4.22 11.90
N SER A 128 18.22 3.37 10.88
CA SER A 128 18.98 2.12 10.86
C SER A 128 20.47 2.39 10.81
N LEU A 129 20.89 3.37 10.00
CA LEU A 129 22.29 3.75 9.97
C LEU A 129 22.77 4.19 11.34
N MET A 130 21.98 5.03 12.01
CA MET A 130 22.37 5.54 13.31
C MET A 130 22.53 4.40 14.31
N VAL A 131 21.56 3.49 14.35
CA VAL A 131 21.61 2.40 15.32
C VAL A 131 22.77 1.46 15.02
N THR A 132 23.01 1.17 13.73
CA THR A 132 24.09 0.27 13.38
C THR A 132 25.46 0.91 13.61
N PHE A 133 25.52 2.24 13.65
CA PHE A 133 26.76 2.98 13.88
C PHE A 133 26.53 4.01 14.98
N PRO A 134 26.37 3.55 16.24
CA PRO A 134 26.13 4.50 17.33
C PRO A 134 27.35 5.34 17.70
N ASP A 135 28.55 4.97 17.24
CA ASP A 135 29.75 5.69 17.63
C ASP A 135 29.97 6.93 16.78
N VAL A 136 30.12 6.75 15.48
CA VAL A 136 30.45 7.88 14.60
C VAL A 136 29.31 8.90 14.63
N PRO A 137 29.60 10.20 14.69
CA PRO A 137 28.51 11.19 14.75
C PRO A 137 27.79 11.37 13.42
N LEU A 138 28.32 10.85 12.33
CA LEU A 138 27.71 11.09 11.02
C LEU A 138 26.30 10.52 10.97
N GLY A 139 26.09 9.34 11.54
CA GLY A 139 24.77 8.72 11.49
C GLY A 139 23.72 9.53 12.23
N ILE A 140 24.03 9.96 13.45
CA ILE A 140 23.09 10.79 14.19
C ILE A 140 22.90 12.11 13.48
N PHE A 141 23.96 12.63 12.86
CA PHE A 141 23.82 13.86 12.08
C PHE A 141 22.83 13.67 10.95
N LEU A 142 22.93 12.55 10.24
CA LEU A 142 22.03 12.29 9.11
C LEU A 142 20.59 12.15 9.59
N PHE A 143 20.37 11.41 10.67
CA PHE A 143 19.02 11.27 11.20
C PHE A 143 18.45 12.62 11.61
N CYS A 144 19.28 13.44 12.27
CA CYS A 144 18.84 14.74 12.72
C CYS A 144 18.55 15.66 11.54
N VAL A 145 19.32 15.54 10.46
CA VAL A 145 19.02 16.29 9.25
C VAL A 145 17.71 15.82 8.65
N CYS A 146 17.41 14.52 8.71
CA CYS A 146 16.13 14.03 8.24
C CYS A 146 14.99 14.70 9.00
N VAL A 147 15.08 14.68 10.34
CA VAL A 147 14.03 15.28 11.15
C VAL A 147 13.94 16.78 10.88
N ILE A 148 15.09 17.44 10.77
CA ILE A 148 15.12 18.89 10.54
C ILE A 148 14.45 19.23 9.23
N ALA A 149 14.74 18.46 8.18
CA ALA A 149 14.12 18.70 6.88
C ALA A 149 12.62 18.50 6.96
N ILE A 150 12.18 17.44 7.64
CA ILE A 150 10.74 17.21 7.78
C ILE A 150 10.08 18.42 8.42
N GLY A 151 10.63 18.86 9.55
CA GLY A 151 10.04 19.98 10.25
C GLY A 151 10.12 21.29 9.48
N VAL A 152 11.20 21.50 8.74
CA VAL A 152 11.35 22.72 7.95
C VAL A 152 10.32 22.76 6.83
N VAL A 153 10.11 21.63 6.16
CA VAL A 153 9.09 21.57 5.12
C VAL A 153 7.72 21.83 5.72
N GLN A 154 7.47 21.25 6.90
CA GLN A 154 6.18 21.50 7.55
C GLN A 154 6.00 22.97 7.91
N ALA A 155 7.06 23.61 8.41
CA ALA A 155 7.00 25.03 8.73
C ALA A 155 6.74 25.87 7.48
N LEU A 156 7.40 25.51 6.37
CA LEU A 156 7.14 26.21 5.11
C LEU A 156 5.69 26.06 4.70
N ILE A 157 5.13 24.85 4.88
CA ILE A 157 3.73 24.63 4.58
C ILE A 157 2.86 25.53 5.43
N VAL A 158 3.17 25.63 6.72
CA VAL A 158 2.40 26.50 7.61
C VAL A 158 2.48 27.95 7.14
N GLY A 159 3.67 28.40 6.79
CA GLY A 159 3.83 29.77 6.34
C GLY A 159 3.02 30.06 5.09
N TYR A 160 3.10 29.17 4.11
CA TYR A 160 2.32 29.35 2.89
C TYR A 160 0.83 29.38 3.20
N ALA A 161 0.37 28.43 4.02
CA ALA A 161 -1.06 28.37 4.32
C ALA A 161 -1.53 29.65 4.99
N PHE A 162 -0.78 30.15 5.96
CA PHE A 162 -1.21 31.35 6.68
C PHE A 162 -1.12 32.58 5.79
N HIS A 163 -0.15 32.62 4.87
CA HIS A 163 -0.10 33.71 3.91
C HIS A 163 -1.34 33.74 3.03
N PHE A 164 -2.07 32.64 2.94
CA PHE A 164 -3.33 32.56 2.22
C PHE A 164 -4.37 31.98 3.18
N PRO A 165 -4.95 32.82 4.04
CA PRO A 165 -5.81 32.30 5.11
C PRO A 165 -6.99 31.48 4.62
N HIS A 166 -7.44 31.69 3.39
CA HIS A 166 -8.61 30.97 2.89
C HIS A 166 -8.37 29.46 2.81
N LEU A 167 -7.11 29.01 2.85
CA LEU A 167 -6.85 27.58 2.87
C LEU A 167 -7.08 26.98 4.25
N LEU A 168 -6.82 27.73 5.31
CA LEU A 168 -6.89 27.18 6.66
C LEU A 168 -8.28 26.68 6.98
N SER A 169 -8.36 25.84 8.01
CA SER A 169 -9.64 25.31 8.45
C SER A 169 -10.52 26.45 8.96
N PRO A 170 -11.84 26.33 8.84
CA PRO A 170 -12.71 27.48 9.15
C PRO A 170 -12.54 28.01 10.56
N GLN A 171 -12.33 27.13 11.54
CA GLN A 171 -12.16 27.60 12.91
C GLN A 171 -10.88 28.41 13.06
N ILE A 172 -9.83 28.05 12.33
CA ILE A 172 -8.61 28.85 12.33
C ILE A 172 -8.86 30.17 11.63
N GLN A 173 -9.65 30.15 10.55
CA GLN A 173 -9.93 31.39 9.82
C GLN A 173 -10.60 32.41 10.71
N ARG A 174 -11.61 31.99 11.48
CA ARG A 174 -12.30 32.90 12.38
C ARG A 174 -11.51 33.15 13.66
N SER A 175 -10.42 32.42 13.87
CA SER A 175 -9.60 32.60 15.07
C SER A 175 -9.00 34.00 15.12
N ALA A 176 -9.45 34.80 16.08
CA ALA A 176 -8.91 36.15 16.24
C ALA A 176 -7.44 36.13 16.64
N HIS A 177 -6.93 34.99 17.08
CA HIS A 177 -5.52 34.85 17.46
C HIS A 177 -4.64 34.40 16.30
N ARG A 178 -5.01 34.78 15.07
CA ARG A 178 -4.32 34.25 13.89
C ARG A 178 -2.82 34.42 14.01
N ALA A 179 -2.35 35.59 14.43
CA ALA A 179 -0.92 35.80 14.63
C ALA A 179 -0.39 34.92 15.75
N LEU A 180 -1.06 34.94 16.91
CA LEU A 180 -0.62 34.13 18.03
C LEU A 180 -0.74 32.64 17.69
N TYR A 181 -1.80 32.27 16.97
CA TYR A 181 -1.96 30.87 16.58
C TYR A 181 -0.84 30.44 15.64
N ARG A 182 -0.46 31.31 14.70
CA ARG A 182 0.66 31.00 13.83
C ARG A 182 1.94 30.85 14.64
N ARG A 183 2.15 31.72 15.62
CA ARG A 183 3.33 31.62 16.46
C ARG A 183 3.37 30.29 17.19
N HIS A 184 2.24 29.90 17.78
CA HIS A 184 2.19 28.64 18.53
C HIS A 184 2.42 27.44 17.63
N VAL A 185 1.78 27.44 16.45
CA VAL A 185 1.94 26.33 15.52
C VAL A 185 3.38 26.24 15.05
N LEU A 186 4.00 27.39 14.73
CA LEU A 186 5.39 27.38 14.32
C LEU A 186 6.28 26.84 15.43
N GLY A 187 6.02 27.23 16.68
CA GLY A 187 6.80 26.68 17.78
C GLY A 187 6.67 25.18 17.85
N ILE A 188 5.45 24.67 17.76
CA ILE A 188 5.25 23.22 17.81
C ILE A 188 6.02 22.52 16.70
N VAL A 189 5.88 23.02 15.47
CA VAL A 189 6.50 22.34 14.34
C VAL A 189 8.02 22.42 14.38
N LEU A 190 8.57 23.56 14.83
CA LEU A 190 10.01 23.75 14.82
C LEU A 190 10.70 23.23 16.08
N GLN A 191 9.94 22.82 17.11
CA GLN A 191 10.58 22.25 18.28
C GLN A 191 11.42 21.04 17.92
N GLY A 192 10.87 20.13 17.12
CA GLY A 192 11.56 18.92 16.76
C GLY A 192 12.87 19.19 16.05
N PRO A 193 12.81 20.00 14.98
CA PRO A 193 14.06 20.38 14.31
C PRO A 193 15.05 21.09 15.21
N ALA A 194 14.58 21.94 16.13
CA ALA A 194 15.51 22.63 17.02
C ALA A 194 16.23 21.65 17.93
N LEU A 195 15.48 20.73 18.54
CA LEU A 195 16.09 19.74 19.42
C LEU A 195 17.04 18.84 18.62
N CYS A 196 16.67 18.50 17.39
CA CYS A 196 17.53 17.67 16.56
C CYS A 196 18.82 18.43 16.20
N PHE A 197 18.71 19.72 15.93
CA PHE A 197 19.91 20.52 15.65
C PHE A 197 20.82 20.55 16.87
N ALA A 198 20.23 20.73 18.06
CA ALA A 198 21.00 20.69 19.29
C ALA A 198 21.70 19.34 19.44
N ALA A 199 20.97 18.27 19.19
CA ALA A 199 21.55 16.93 19.28
C ALA A 199 22.70 16.76 18.30
N ALA A 200 22.52 17.26 17.07
CA ALA A 200 23.57 17.13 16.07
C ALA A 200 24.84 17.87 16.51
N ILE A 201 24.68 19.09 17.00
CA ILE A 201 25.86 19.87 17.40
C ILE A 201 26.54 19.19 18.59
N PHE A 202 25.76 18.71 19.55
CA PHE A 202 26.35 18.09 20.73
C PHE A 202 26.94 16.71 20.44
N SER A 203 26.54 16.07 19.35
CA SER A 203 27.06 14.76 19.01
C SER A 203 28.57 14.78 18.77
N LEU A 204 29.12 15.92 18.32
CA LEU A 204 30.55 16.00 18.08
C LEU A 204 31.36 15.92 19.37
N PHE A 205 30.73 16.16 20.51
CA PHE A 205 31.45 16.21 21.79
C PHE A 205 30.96 15.13 22.75
N PHE A 206 29.67 15.04 23.00
CA PHE A 206 29.13 14.04 23.94
C PHE A 206 27.78 13.59 23.38
N VAL A 207 27.74 12.40 22.82
CA VAL A 207 26.56 11.91 22.09
C VAL A 207 25.40 11.59 23.02
N PRO A 208 25.62 11.15 24.27
CA PRO A 208 24.46 10.85 25.12
C PRO A 208 23.52 12.03 25.28
N LEU A 209 24.05 13.25 25.37
CA LEU A 209 23.20 14.43 25.41
C LEU A 209 22.37 14.53 24.14
N SER A 210 22.97 14.24 22.99
CA SER A 210 22.23 14.26 21.74
C SER A 210 21.11 13.23 21.74
N TYR A 211 21.38 12.03 22.24
CA TYR A 211 20.34 11.00 22.32
C TYR A 211 19.20 11.47 23.21
N LEU A 212 19.52 12.08 24.36
CA LEU A 212 18.48 12.58 25.25
C LEU A 212 17.65 13.66 24.55
N LEU A 213 18.32 14.59 23.88
CA LEU A 213 17.61 15.63 23.15
C LEU A 213 16.71 15.02 22.08
N MET A 214 17.15 13.94 21.46
CA MET A 214 16.36 13.30 20.41
C MET A 214 15.10 12.67 21.00
N VAL A 215 15.24 11.91 22.09
CA VAL A 215 14.04 11.30 22.68
C VAL A 215 13.11 12.39 23.21
N THR A 216 13.68 13.55 23.58
CA THR A 216 12.85 14.66 24.01
C THR A 216 11.82 15.02 22.94
N VAL A 217 12.17 14.87 21.66
CA VAL A 217 11.25 15.22 20.59
C VAL A 217 9.97 14.40 20.68
N ILE A 218 10.11 13.09 20.90
CA ILE A 218 8.92 12.25 21.02
C ILE A 218 8.25 12.43 22.37
N LEU A 219 9.01 12.80 23.40
CA LEU A 219 8.44 12.87 24.75
C LEU A 219 7.56 14.11 24.92
N LEU A 220 8.10 15.29 24.59
CA LEU A 220 7.45 16.55 24.92
C LEU A 220 6.03 16.68 24.38
N PRO A 221 5.75 16.30 23.14
CA PRO A 221 4.36 16.43 22.66
C PRO A 221 3.37 15.68 23.55
N TYR A 222 3.76 14.57 24.15
CA TYR A 222 2.96 13.91 25.17
C TYR A 222 3.00 14.66 26.50
N VAL A 223 4.17 15.13 26.90
CA VAL A 223 4.34 15.71 28.23
C VAL A 223 4.05 17.21 28.26
N SER A 224 4.08 17.87 27.11
CA SER A 224 3.88 19.32 27.05
C SER A 224 4.90 20.04 27.92
N GLU A 254 -7.36 14.92 22.39
CA GLU A 254 -7.36 15.55 21.07
C GLU A 254 -7.76 14.55 20.00
N PRO A 255 -8.52 14.98 18.99
CA PRO A 255 -9.02 14.03 17.98
C PRO A 255 -8.03 13.84 16.84
N LEU A 256 -7.83 12.58 16.46
CA LEU A 256 -7.18 12.23 15.20
C LEU A 256 -8.27 12.01 14.17
N SER A 257 -8.32 12.85 13.15
CA SER A 257 -9.34 12.74 12.12
C SER A 257 -9.52 11.30 11.71
N LYS A 258 -10.75 10.78 11.87
CA LYS A 258 -10.98 9.35 11.72
C LYS A 258 -10.46 8.84 10.39
N GLU A 259 -10.63 9.62 9.33
CA GLU A 259 -10.20 9.17 8.01
C GLU A 259 -8.72 8.85 7.98
N ARG A 260 -7.89 9.69 8.61
CA ARG A 260 -6.45 9.45 8.60
C ARG A 260 -6.09 8.17 9.34
N VAL A 261 -6.67 7.96 10.52
CA VAL A 261 -6.38 6.74 11.27
C VAL A 261 -6.80 5.53 10.46
N GLU A 262 -7.99 5.58 9.87
CA GLU A 262 -8.48 4.46 9.08
C GLU A 262 -7.54 4.19 7.90
N ALA A 263 -7.10 5.24 7.21
CA ALA A 263 -6.23 5.05 6.06
C ALA A 263 -4.91 4.41 6.47
N PHE A 264 -4.27 4.95 7.50
CA PHE A 264 -2.99 4.38 7.92
C PHE A 264 -3.16 2.93 8.36
N SER A 265 -4.21 2.65 9.13
CA SER A 265 -4.41 1.29 9.63
C SER A 265 -4.68 0.32 8.49
N ASP A 266 -5.51 0.71 7.53
CA ASP A 266 -5.79 -0.17 6.40
C ASP A 266 -4.54 -0.42 5.58
N GLY A 267 -3.73 0.62 5.37
CA GLY A 267 -2.47 0.41 4.66
C GLY A 267 -1.58 -0.59 5.37
N VAL A 268 -1.43 -0.43 6.69
CA VAL A 268 -0.56 -1.34 7.43
C VAL A 268 -1.11 -2.76 7.38
N TYR A 269 -2.43 -2.91 7.52
CA TYR A 269 -3.02 -4.24 7.48
C TYR A 269 -2.81 -4.90 6.12
N ALA A 270 -3.02 -4.16 5.04
CA ALA A 270 -2.82 -4.73 3.71
C ALA A 270 -1.38 -5.17 3.53
N ILE A 271 -0.43 -4.30 3.90
CA ILE A 271 0.97 -4.64 3.72
C ILE A 271 1.34 -5.89 4.53
N VAL A 272 0.90 -5.94 5.79
CA VAL A 272 1.26 -7.08 6.63
C VAL A 272 0.60 -8.35 6.11
N ALA A 273 -0.63 -8.25 5.59
CA ALA A 273 -1.32 -9.41 5.07
C ALA A 273 -0.66 -9.96 3.82
N THR A 274 -0.11 -9.10 2.95
CA THR A 274 0.47 -9.56 1.69
C THR A 274 1.99 -9.67 1.72
N LEU A 275 2.63 -9.42 2.86
CA LEU A 275 4.08 -9.63 2.94
C LEU A 275 4.48 -11.03 2.48
N LEU A 276 3.80 -12.06 3.00
CA LEU A 276 4.23 -13.42 2.72
C LEU A 276 3.99 -13.81 1.27
N ILE A 277 2.87 -13.37 0.67
CA ILE A 277 2.69 -13.65 -0.75
C ILE A 277 3.72 -12.89 -1.58
N LEU A 278 4.09 -11.68 -1.16
CA LEU A 278 5.17 -10.98 -1.84
C LEU A 278 6.43 -11.84 -1.84
N ASP A 279 6.80 -12.36 -0.67
CA ASP A 279 7.99 -13.19 -0.58
C ASP A 279 7.85 -14.43 -1.45
N ILE A 280 6.69 -15.08 -1.41
CA ILE A 280 6.50 -16.31 -2.17
C ILE A 280 6.69 -16.05 -3.66
N CYS A 281 6.04 -15.01 -4.19
CA CYS A 281 6.18 -14.73 -5.61
C CYS A 281 7.61 -14.33 -5.95
N GLU A 282 8.28 -13.63 -5.05
CA GLU A 282 9.64 -13.20 -5.33
C GLU A 282 10.63 -14.37 -5.33
N ASP A 283 10.35 -15.42 -4.57
CA ASP A 283 11.33 -16.48 -4.34
C ASP A 283 10.88 -17.87 -4.76
N ASN A 284 9.68 -18.33 -4.39
CA ASN A 284 9.27 -19.75 -4.61
C ASN A 284 8.88 -20.22 -5.99
N VAL A 285 8.68 -19.32 -6.94
CA VAL A 285 8.22 -19.80 -8.24
C VAL A 285 9.23 -20.82 -8.76
N PRO A 286 8.82 -22.03 -9.09
CA PRO A 286 9.80 -23.06 -9.46
C PRO A 286 10.54 -22.72 -10.75
N ASP A 287 11.75 -23.28 -10.86
CA ASP A 287 12.60 -23.14 -12.03
C ASP A 287 12.53 -24.43 -12.85
N PRO A 288 12.31 -24.37 -14.16
CA PRO A 288 12.25 -25.61 -14.94
C PRO A 288 13.49 -26.48 -14.79
N LYS A 289 14.68 -25.87 -14.73
CA LYS A 289 15.88 -26.65 -14.47
C LYS A 289 15.80 -27.34 -13.13
N ASP A 290 15.39 -26.60 -12.09
CA ASP A 290 15.25 -27.20 -10.77
C ASP A 290 14.20 -28.30 -10.76
N VAL A 291 13.06 -28.07 -11.41
CA VAL A 291 12.00 -29.07 -11.41
C VAL A 291 12.47 -30.34 -12.09
N LYS A 292 13.11 -30.20 -13.26
CA LYS A 292 13.53 -31.37 -14.00
C LYS A 292 14.67 -32.11 -13.31
N GLU A 293 15.56 -31.39 -12.63
CA GLU A 293 16.72 -32.04 -12.01
C GLU A 293 16.37 -32.61 -10.65
N ARG A 294 15.99 -31.76 -9.70
CA ARG A 294 15.77 -32.19 -8.32
C ARG A 294 14.50 -33.04 -8.18
N PHE A 295 13.41 -32.63 -8.81
CA PHE A 295 12.13 -33.33 -8.71
C PHE A 295 11.88 -34.24 -9.90
N SER A 296 12.86 -34.41 -10.79
CA SER A 296 12.74 -35.33 -11.92
C SER A 296 11.51 -35.01 -12.77
N GLY A 297 11.22 -33.73 -12.94
CA GLY A 297 10.11 -33.29 -13.77
C GLY A 297 8.75 -33.31 -13.09
N SER A 298 8.68 -33.75 -11.84
CA SER A 298 7.41 -33.79 -11.11
C SER A 298 7.15 -32.41 -10.52
N LEU A 299 6.40 -31.59 -11.24
CA LEU A 299 6.14 -30.23 -10.78
C LEU A 299 5.34 -30.24 -9.48
N VAL A 300 4.39 -31.16 -9.34
CA VAL A 300 3.60 -31.23 -8.12
C VAL A 300 4.50 -31.45 -6.92
N ALA A 301 5.56 -32.25 -7.09
CA ALA A 301 6.54 -32.42 -6.02
C ALA A 301 7.21 -31.09 -5.70
N ALA A 302 7.53 -30.29 -6.72
CA ALA A 302 8.15 -29.00 -6.46
C ALA A 302 7.23 -28.10 -5.64
N LEU A 303 5.94 -28.05 -5.99
CA LEU A 303 5.02 -27.24 -5.21
C LEU A 303 4.86 -27.77 -3.79
N SER A 304 4.76 -29.09 -3.64
CA SER A 304 4.62 -29.66 -2.30
C SER A 304 5.86 -29.36 -1.46
N ALA A 305 7.02 -29.20 -2.10
CA ALA A 305 8.22 -28.84 -1.37
C ALA A 305 8.10 -27.48 -0.68
N THR A 306 7.52 -26.49 -1.36
CA THR A 306 7.35 -25.15 -0.79
C THR A 306 6.00 -24.97 -0.11
N GLY A 307 5.17 -26.01 -0.10
CA GLY A 307 3.90 -25.98 0.57
C GLY A 307 3.88 -25.22 1.90
N PRO A 308 4.86 -25.46 2.77
CA PRO A 308 4.85 -24.79 4.08
C PRO A 308 4.75 -23.28 3.99
N ARG A 309 5.40 -22.65 3.02
CA ARG A 309 5.26 -21.21 2.87
C ARG A 309 3.82 -20.85 2.50
N PHE A 310 3.18 -21.66 1.66
CA PHE A 310 1.77 -21.42 1.35
C PHE A 310 0.92 -21.53 2.61
N LEU A 311 1.17 -22.52 3.45
CA LEU A 311 0.42 -22.65 4.69
C LEU A 311 0.61 -21.44 5.59
N ALA A 312 1.87 -20.99 5.70
CA ALA A 312 2.15 -19.83 6.53
C ALA A 312 1.44 -18.59 5.99
N TYR A 313 1.45 -18.41 4.67
CA TYR A 313 0.74 -17.27 4.09
C TYR A 313 -0.76 -17.37 4.34
N PHE A 314 -1.32 -18.57 4.19
CA PHE A 314 -2.73 -18.75 4.46
C PHE A 314 -3.05 -18.33 5.89
N GLY A 315 -2.25 -18.79 6.85
CA GLY A 315 -2.49 -18.42 8.24
C GLY A 315 -2.36 -16.93 8.48
N SER A 316 -1.31 -16.33 7.92
CA SER A 316 -1.09 -14.90 8.11
C SER A 316 -2.23 -14.09 7.54
N PHE A 317 -2.67 -14.42 6.32
CA PHE A 317 -3.77 -13.67 5.73
C PHE A 317 -5.04 -13.87 6.54
N ALA A 318 -5.32 -15.10 6.97
CA ALA A 318 -6.52 -15.32 7.78
C ALA A 318 -6.48 -14.44 9.03
N THR A 319 -5.39 -14.51 9.77
CA THR A 319 -5.31 -13.77 11.04
C THR A 319 -5.39 -12.27 10.81
N VAL A 320 -4.62 -11.75 9.85
CA VAL A 320 -4.58 -10.30 9.65
C VAL A 320 -5.90 -9.80 9.08
N GLY A 321 -6.50 -10.56 8.17
CA GLY A 321 -7.78 -10.16 7.64
C GLY A 321 -8.86 -10.14 8.70
N LEU A 322 -8.87 -11.13 9.60
CA LEU A 322 -9.89 -11.12 10.64
C LEU A 322 -9.62 -10.03 11.67
N LEU A 323 -8.34 -9.74 11.97
CA LEU A 323 -8.03 -8.61 12.83
C LEU A 323 -8.50 -7.31 12.20
N TRP A 324 -8.28 -7.15 10.89
CA TRP A 324 -8.78 -5.97 10.21
C TRP A 324 -10.30 -5.93 10.24
N PHE A 325 -10.94 -7.09 10.15
CA PHE A 325 -12.40 -7.12 10.24
C PHE A 325 -12.88 -6.62 11.59
N ALA A 326 -12.24 -7.07 12.67
CA ALA A 326 -12.59 -6.58 14.00
C ALA A 326 -12.34 -5.07 14.08
N HIS A 327 -11.22 -4.61 13.52
CA HIS A 327 -10.90 -3.20 13.52
C HIS A 327 -11.96 -2.39 12.77
N HIS A 328 -12.40 -2.92 11.63
CA HIS A 328 -13.42 -2.24 10.82
C HIS A 328 -14.74 -2.18 11.58
N SER A 329 -15.14 -3.29 12.19
CA SER A 329 -16.37 -3.28 12.97
C SER A 329 -16.30 -2.28 14.10
N LEU A 330 -15.15 -2.20 14.78
CA LEU A 330 -14.97 -1.24 15.85
C LEU A 330 -15.09 0.19 15.34
N PHE A 331 -14.33 0.53 14.30
CA PHE A 331 -14.27 1.91 13.85
C PHE A 331 -15.53 2.35 13.14
N LEU A 332 -16.36 1.41 12.68
CA LEU A 332 -17.62 1.81 12.06
C LEU A 332 -18.51 2.53 13.05
N HIS A 333 -18.42 2.17 14.32
CA HIS A 333 -19.28 2.73 15.36
C HIS A 333 -18.60 3.83 16.16
N VAL A 334 -17.36 4.17 15.85
CA VAL A 334 -16.64 5.22 16.58
C VAL A 334 -17.04 6.57 16.01
N ARG A 335 -17.50 7.47 16.89
CA ARG A 335 -17.91 8.79 16.46
C ARG A 335 -16.76 9.77 16.41
N LYS A 336 -15.83 9.69 17.37
CA LYS A 336 -14.84 10.74 17.56
C LYS A 336 -13.59 10.10 18.17
N ALA A 337 -12.53 10.00 17.37
CA ALA A 337 -11.29 9.41 17.85
C ALA A 337 -10.62 10.33 18.86
N THR A 338 -9.57 9.82 19.50
CA THR A 338 -8.84 10.56 20.51
C THR A 338 -7.36 10.17 20.45
N ARG A 339 -6.52 10.98 21.10
CA ARG A 339 -5.09 10.70 21.13
C ARG A 339 -4.81 9.39 21.85
N ALA A 340 -5.55 9.11 22.94
CA ALA A 340 -5.35 7.84 23.62
C ALA A 340 -5.66 6.67 22.69
N MET A 341 -6.76 6.75 21.95
CA MET A 341 -7.06 5.73 20.96
C MET A 341 -5.98 5.67 19.90
N GLY A 342 -5.43 6.84 19.53
CA GLY A 342 -4.33 6.84 18.58
C GLY A 342 -3.13 6.07 19.09
N LEU A 343 -2.74 6.29 20.34
CA LEU A 343 -1.62 5.59 20.93
C LEU A 343 -1.87 4.08 20.95
N LEU A 344 -3.04 3.69 21.43
CA LEU A 344 -3.34 2.26 21.53
C LEU A 344 -3.39 1.62 20.14
N ASN A 345 -3.95 2.33 19.16
CA ASN A 345 -3.97 1.82 17.79
C ASN A 345 -2.55 1.67 17.25
N THR A 346 -1.68 2.63 17.55
CA THR A 346 -0.30 2.53 17.10
C THR A 346 0.37 1.31 17.69
N LEU A 347 0.17 1.05 18.98
CA LEU A 347 0.72 -0.16 19.58
C LEU A 347 0.16 -1.40 18.91
N SER A 348 -1.16 -1.41 18.68
CA SER A 348 -1.81 -2.58 18.09
C SER A 348 -1.24 -2.87 16.71
N LEU A 349 -1.05 -1.84 15.89
CA LEU A 349 -0.49 -2.05 14.56
C LEU A 349 0.98 -2.47 14.63
N ALA A 350 1.75 -1.82 15.50
CA ALA A 350 3.15 -2.19 15.65
C ALA A 350 3.29 -3.67 15.98
N PHE A 351 2.33 -4.21 16.74
CA PHE A 351 2.41 -5.63 17.06
C PHE A 351 1.72 -6.51 16.01
N VAL A 352 0.73 -5.98 15.29
CA VAL A 352 0.17 -6.71 14.16
C VAL A 352 1.27 -7.00 13.16
N GLY A 353 2.24 -6.10 13.05
CA GLY A 353 3.37 -6.34 12.16
C GLY A 353 4.09 -7.65 12.43
N GLY A 354 4.00 -8.17 13.65
CA GLY A 354 4.76 -9.37 13.99
C GLY A 354 4.16 -10.67 13.53
N LEU A 355 2.89 -10.67 13.12
CA LEU A 355 2.21 -11.92 12.79
C LEU A 355 2.94 -12.72 11.72
N PRO A 356 3.36 -12.13 10.59
CA PRO A 356 4.07 -12.93 9.58
C PRO A 356 5.29 -13.65 10.13
N LEU A 357 6.06 -13.00 11.00
CA LEU A 357 7.23 -13.66 11.58
C LEU A 357 6.81 -14.87 12.40
N ALA A 358 5.76 -14.71 13.21
CA ALA A 358 5.29 -15.81 14.04
C ALA A 358 4.86 -16.98 13.17
N TYR A 359 4.15 -16.70 12.07
CA TYR A 359 3.65 -17.79 11.24
C TYR A 359 4.78 -18.45 10.47
N GLN A 360 5.77 -17.67 10.02
CA GLN A 360 6.94 -18.27 9.39
C GLN A 360 7.64 -19.21 10.35
N GLN A 361 7.80 -18.78 11.60
CA GLN A 361 8.43 -19.66 12.60
C GLN A 361 7.59 -20.91 12.81
N THR A 362 6.26 -20.75 12.88
CA THR A 362 5.40 -21.91 13.09
C THR A 362 5.53 -22.91 11.96
N SER A 363 5.55 -22.44 10.71
CA SER A 363 5.67 -23.34 9.57
C SER A 363 7.00 -24.06 9.53
N ALA A 364 8.06 -23.48 10.10
CA ALA A 364 9.37 -24.09 10.04
C ALA A 364 9.43 -25.34 10.92
N PHE A 365 10.49 -26.12 10.73
CA PHE A 365 10.67 -27.35 11.48
C PHE A 365 10.98 -27.04 12.95
N ALA A 366 10.77 -28.05 13.79
CA ALA A 366 11.07 -27.98 15.21
C ALA A 366 12.04 -29.11 15.54
N ARG A 367 13.29 -28.75 15.85
CA ARG A 367 14.29 -29.77 16.17
C ARG A 367 13.93 -30.52 17.44
N GLN A 368 13.37 -29.82 18.42
CA GLN A 368 13.01 -30.40 19.70
C GLN A 368 11.58 -30.02 20.04
N PRO A 369 10.91 -30.79 20.90
CA PRO A 369 9.57 -30.39 21.34
C PRO A 369 9.54 -29.02 21.98
N ARG A 370 10.61 -28.67 22.70
CA ARG A 370 10.67 -27.34 23.33
C ARG A 370 10.68 -26.25 22.27
N ASP A 371 11.35 -26.49 21.14
CA ASP A 371 11.38 -25.48 20.08
C ASP A 371 9.97 -25.20 19.55
N GLU A 372 9.23 -26.26 19.23
CA GLU A 372 7.87 -26.07 18.73
C GLU A 372 6.99 -25.43 19.79
N LEU A 373 7.15 -25.84 21.05
CA LEU A 373 6.36 -25.24 22.12
C LEU A 373 6.65 -23.75 22.23
N GLU A 374 7.93 -23.37 22.16
CA GLU A 374 8.30 -21.97 22.26
C GLU A 374 7.76 -21.17 21.09
N ARG A 375 7.81 -21.74 19.89
CA ARG A 375 7.30 -21.03 18.72
C ARG A 375 5.79 -20.87 18.79
N VAL A 376 5.08 -21.87 19.29
CA VAL A 376 3.64 -21.74 19.51
C VAL A 376 3.38 -20.66 20.55
N ARG A 377 4.17 -20.65 21.62
CA ARG A 377 4.07 -19.60 22.63
C ARG A 377 4.22 -18.23 22.01
N VAL A 378 5.23 -18.08 21.15
CA VAL A 378 5.51 -16.78 20.54
C VAL A 378 4.35 -16.37 19.63
N SER A 379 3.82 -17.31 18.86
CA SER A 379 2.71 -16.99 17.98
C SER A 379 1.50 -16.54 18.78
N CYS A 380 1.17 -17.28 19.86
CA CYS A 380 0.04 -16.91 20.69
C CYS A 380 0.27 -15.55 21.33
N THR A 381 1.49 -15.29 21.80
CA THR A 381 1.79 -14.03 22.46
C THR A 381 1.67 -12.87 21.48
N ILE A 382 2.15 -13.06 20.25
CA ILE A 382 2.05 -11.99 19.26
C ILE A 382 0.58 -11.73 18.92
N ILE A 383 -0.20 -12.78 18.71
CA ILE A 383 -1.62 -12.58 18.42
C ILE A 383 -2.29 -11.85 19.57
N PHE A 384 -2.01 -12.28 20.79
CA PHE A 384 -2.54 -11.58 21.96
C PHE A 384 -2.17 -10.11 21.93
N LEU A 385 -0.87 -9.81 22.02
CA LEU A 385 -0.44 -8.41 22.07
C LEU A 385 -1.08 -7.61 20.94
N ALA A 386 -1.26 -8.23 19.77
CA ALA A 386 -1.87 -7.51 18.65
C ALA A 386 -3.33 -7.16 18.94
N SER A 387 -4.09 -8.09 19.50
CA SER A 387 -5.54 -7.86 19.66
C SER A 387 -5.92 -7.25 20.99
N ILE A 388 -5.09 -7.41 22.02
CA ILE A 388 -5.40 -6.89 23.35
C ILE A 388 -5.46 -5.38 23.32
N PHE A 389 -4.52 -4.74 22.63
CA PHE A 389 -4.55 -3.28 22.52
C PHE A 389 -5.76 -2.83 21.70
N GLN A 390 -6.15 -3.61 20.70
CA GLN A 390 -7.35 -3.28 19.95
C GLN A 390 -8.58 -3.31 20.85
N LEU A 391 -8.67 -4.30 21.75
CA LEU A 391 -9.75 -4.34 22.72
C LEU A 391 -9.65 -3.17 23.70
N ALA A 392 -8.43 -2.83 24.12
CA ALA A 392 -8.24 -1.72 25.04
C ALA A 392 -8.70 -0.41 24.41
N MET A 393 -8.54 -0.26 23.10
CA MET A 393 -9.08 0.89 22.41
C MET A 393 -10.58 0.99 22.63
N TRP A 394 -11.29 -0.14 22.46
CA TRP A 394 -12.73 -0.14 22.64
C TRP A 394 -13.11 0.17 24.09
N THR A 395 -12.37 -0.37 25.05
CA THR A 395 -12.64 -0.08 26.44
C THR A 395 -12.43 1.40 26.76
N THR A 396 -11.33 1.96 26.27
CA THR A 396 -11.06 3.38 26.48
C THR A 396 -12.15 4.22 25.85
N ALA A 397 -12.62 3.84 24.67
CA ALA A 397 -13.74 4.54 24.07
C ALA A 397 -14.97 4.46 24.98
N LEU A 398 -15.27 3.27 25.49
CA LEU A 398 -16.39 3.14 26.41
C LEU A 398 -16.25 4.10 27.60
N LEU A 399 -15.01 4.35 28.03
CA LEU A 399 -14.80 5.27 29.14
C LEU A 399 -15.33 6.68 28.84
N HIS A 400 -15.34 7.09 27.58
CA HIS A 400 -15.92 8.36 27.15
C HIS A 400 -17.04 8.13 26.14
N GLN A 401 -17.75 7.02 26.35
CA GLN A 401 -18.85 6.57 25.49
C GLN A 401 -19.63 7.73 24.86
N ALA A 402 -20.09 8.68 25.67
CA ALA A 402 -21.01 9.69 25.17
C ALA A 402 -20.45 10.40 23.94
N GLU A 403 -19.16 10.75 23.98
CA GLU A 403 -18.57 11.51 22.87
C GLU A 403 -17.74 10.63 21.94
N THR A 404 -17.47 9.39 22.32
CA THR A 404 -16.55 8.56 21.54
C THR A 404 -17.25 7.59 20.60
N LEU A 405 -18.36 6.99 21.02
CA LEU A 405 -18.93 5.84 20.32
C LEU A 405 -20.37 6.12 19.90
N GLN A 406 -20.79 5.39 18.85
CA GLN A 406 -22.16 5.52 18.37
C GLN A 406 -23.13 5.00 19.43
N PRO A 407 -24.38 5.46 19.41
CA PRO A 407 -25.34 4.99 20.41
C PRO A 407 -25.55 3.49 20.40
N SER A 408 -25.47 2.87 19.22
CA SER A 408 -25.82 1.46 19.09
C SER A 408 -24.87 0.54 19.83
N VAL A 409 -23.71 1.05 20.26
CA VAL A 409 -22.73 0.24 20.98
C VAL A 409 -22.56 0.72 22.42
N TRP A 410 -23.40 1.63 22.88
CA TRP A 410 -23.31 2.09 24.26
C TRP A 410 -23.64 0.95 25.21
N PHE A 411 -23.48 1.21 26.50
CA PHE A 411 -23.76 0.21 27.51
C PHE A 411 -25.20 -0.27 27.39
N GLY A 412 -25.38 -1.59 27.32
CA GLY A 412 -26.70 -2.15 27.10
C GLY A 412 -27.22 -2.01 25.69
N GLY A 413 -26.38 -1.56 24.75
CA GLY A 413 -26.84 -1.36 23.40
C GLY A 413 -27.10 -2.67 22.68
N ARG A 414 -27.74 -2.55 21.52
CA ARG A 414 -28.12 -3.75 20.77
C ARG A 414 -26.90 -4.56 20.35
N GLU A 415 -25.85 -3.88 19.91
CA GLU A 415 -24.64 -4.54 19.43
C GLU A 415 -23.48 -4.44 20.41
N HIS A 416 -23.72 -3.99 21.64
CA HIS A 416 -22.63 -3.82 22.58
C HIS A 416 -21.95 -5.15 22.89
N VAL A 417 -22.73 -6.15 23.28
CA VAL A 417 -22.14 -7.44 23.62
C VAL A 417 -21.57 -8.11 22.38
N LEU A 418 -22.25 -7.98 21.25
CA LEU A 418 -21.73 -8.53 20.00
C LEU A 418 -20.37 -7.93 19.67
N MET A 419 -20.26 -6.61 19.77
CA MET A 419 -18.98 -5.96 19.49
C MET A 419 -17.91 -6.40 20.48
N PHE A 420 -18.29 -6.50 21.76
CA PHE A 420 -17.32 -6.93 22.76
C PHE A 420 -16.79 -8.32 22.44
N ALA A 421 -17.68 -9.25 22.07
CA ALA A 421 -17.24 -10.58 21.71
C ALA A 421 -16.38 -10.55 20.45
N LYS A 422 -16.78 -9.75 19.47
CA LYS A 422 -16.03 -9.67 18.23
C LYS A 422 -14.60 -9.22 18.49
N LEU A 423 -14.42 -8.23 19.38
CA LEU A 423 -13.09 -7.74 19.67
C LEU A 423 -12.31 -8.69 20.57
N ALA A 424 -13.00 -9.36 21.51
CA ALA A 424 -12.30 -10.20 22.47
C ALA A 424 -12.07 -11.62 21.97
N LEU A 425 -12.59 -11.96 20.79
CA LEU A 425 -12.46 -13.33 20.30
C LEU A 425 -11.00 -13.75 20.17
N TYR A 426 -10.13 -12.86 19.72
CA TYR A 426 -8.76 -13.26 19.46
C TYR A 426 -7.93 -13.32 20.75
N PRO A 427 -8.00 -12.31 21.61
CA PRO A 427 -7.25 -12.41 22.88
C PRO A 427 -7.58 -13.65 23.67
N CYS A 428 -8.86 -14.02 23.78
CA CYS A 428 -9.24 -15.18 24.57
C CYS A 428 -8.73 -16.46 23.95
N ALA A 429 -8.90 -16.61 22.63
CA ALA A 429 -8.43 -17.82 21.96
C ALA A 429 -6.92 -17.97 22.09
N SER A 430 -6.20 -16.87 21.87
CA SER A 430 -4.74 -16.91 22.02
C SER A 430 -4.34 -17.23 23.45
N LEU A 431 -5.05 -16.69 24.43
CA LEU A 431 -4.74 -17.00 25.83
C LEU A 431 -4.95 -18.48 26.12
N LEU A 432 -6.04 -19.06 25.62
CA LEU A 432 -6.28 -20.48 25.82
C LEU A 432 -5.18 -21.31 25.16
N ALA A 433 -4.80 -20.94 23.94
CA ALA A 433 -3.73 -21.67 23.27
C ALA A 433 -2.42 -21.57 24.05
N PHE A 434 -2.10 -20.38 24.56
CA PHE A 434 -0.88 -20.21 25.33
C PHE A 434 -0.91 -21.07 26.60
N ALA A 435 -2.05 -21.09 27.29
CA ALA A 435 -2.16 -21.90 28.50
C ALA A 435 -2.03 -23.37 28.16
N SER A 436 -2.49 -23.78 26.97
CA SER A 436 -2.35 -25.18 26.56
C SER A 436 -0.90 -25.63 26.65
N THR A 437 0.03 -24.74 26.32
CA THR A 437 1.45 -25.09 26.41
C THR A 437 1.85 -25.37 27.85
N CYS A 438 1.36 -24.57 28.79
CA CYS A 438 1.69 -24.77 30.19
C CYS A 438 0.97 -25.96 30.81
N LEU A 439 -0.12 -26.42 30.20
CA LEU A 439 -0.90 -27.52 30.75
C LEU A 439 -1.02 -28.72 29.84
N LEU A 440 -1.22 -28.52 28.54
CA LEU A 440 -1.51 -29.60 27.60
C LEU A 440 -0.44 -29.65 26.51
N SER A 441 0.83 -29.69 26.93
CA SER A 441 1.92 -29.72 25.95
C SER A 441 1.77 -30.85 24.95
N ARG A 442 1.05 -31.91 25.32
CA ARG A 442 0.88 -33.04 24.41
C ARG A 442 0.20 -32.62 23.11
N PHE A 443 -0.89 -31.86 23.21
CA PHE A 443 -1.64 -31.41 22.05
C PHE A 443 -1.42 -29.93 21.75
N SER A 444 -0.46 -29.29 22.41
CA SER A 444 -0.31 -27.84 22.31
C SER A 444 -0.37 -27.39 20.86
N VAL A 445 0.59 -27.82 20.04
CA VAL A 445 0.64 -27.35 18.66
C VAL A 445 -0.70 -27.62 17.98
N GLY A 446 -1.26 -28.81 18.18
CA GLY A 446 -2.52 -29.12 17.55
C GLY A 446 -3.60 -28.11 17.89
N ILE A 447 -3.73 -27.78 19.17
CA ILE A 447 -4.76 -26.83 19.57
C ILE A 447 -4.54 -25.50 18.85
N PHE A 448 -3.27 -25.11 18.69
CA PHE A 448 -2.99 -23.91 17.93
C PHE A 448 -3.60 -24.01 16.54
N HIS A 449 -3.30 -25.08 15.82
CA HIS A 449 -3.95 -25.28 14.52
C HIS A 449 -5.45 -25.14 14.66
N LEU A 450 -6.03 -25.77 15.68
CA LEU A 450 -7.48 -25.72 15.85
C LEU A 450 -7.95 -24.28 15.96
N MET A 451 -7.26 -23.45 16.75
CA MET A 451 -7.71 -22.08 16.88
C MET A 451 -7.69 -21.38 15.53
N GLN A 452 -6.67 -21.64 14.71
CA GLN A 452 -6.61 -21.00 13.40
C GLN A 452 -7.85 -21.28 12.59
N ILE A 453 -8.48 -22.44 12.80
CA ILE A 453 -9.73 -22.75 12.10
C ILE A 453 -10.94 -22.41 12.95
N ALA A 454 -10.78 -22.40 14.28
CA ALA A 454 -11.91 -22.12 15.16
C ALA A 454 -12.32 -20.65 15.08
N VAL A 455 -11.36 -19.74 15.17
CA VAL A 455 -11.68 -18.32 15.24
C VAL A 455 -12.42 -17.85 13.99
N PRO A 456 -11.96 -18.16 12.78
CA PRO A 456 -12.74 -17.73 11.60
C PRO A 456 -14.18 -18.19 11.64
N CYS A 457 -14.42 -19.45 12.00
CA CYS A 457 -15.79 -19.96 12.03
C CYS A 457 -16.64 -19.15 12.97
N ALA A 458 -16.13 -18.87 14.18
CA ALA A 458 -16.90 -18.08 15.13
C ALA A 458 -17.28 -16.73 14.55
N PHE A 459 -16.44 -16.16 13.68
CA PHE A 459 -16.79 -14.89 13.07
C PHE A 459 -18.00 -15.03 12.16
N LEU A 460 -18.06 -16.12 11.39
CA LEU A 460 -19.21 -16.35 10.53
C LEU A 460 -20.48 -16.55 11.36
N LEU A 461 -20.36 -17.27 12.47
CA LEU A 461 -21.49 -17.58 13.34
C LEU A 461 -21.60 -16.62 14.53
N LEU A 462 -20.89 -15.49 14.50
CA LEU A 462 -20.77 -14.68 15.70
C LEU A 462 -22.13 -14.29 16.26
N ARG A 463 -23.07 -13.91 15.40
CA ARG A 463 -24.41 -13.59 15.88
C ARG A 463 -25.02 -14.79 16.58
N LEU A 464 -25.03 -15.96 15.92
CA LEU A 464 -25.63 -17.14 16.51
C LEU A 464 -24.87 -17.60 17.75
N LEU A 465 -23.53 -17.51 17.72
CA LEU A 465 -22.76 -17.92 18.88
C LEU A 465 -23.06 -17.04 20.09
N VAL A 466 -23.14 -15.73 19.88
CA VAL A 466 -23.45 -14.82 20.97
C VAL A 466 -24.88 -15.05 21.47
N GLY A 467 -25.81 -15.32 20.55
CA GLY A 467 -27.15 -15.66 20.98
C GLY A 467 -27.18 -16.90 21.85
N LEU A 468 -26.41 -17.92 21.46
CA LEU A 468 -26.31 -19.14 22.27
C LEU A 468 -25.74 -18.84 23.65
N ALA A 469 -24.68 -18.03 23.70
CA ALA A 469 -24.07 -17.70 24.99
C ALA A 469 -25.05 -16.96 25.88
N LEU A 470 -25.76 -15.97 25.31
CA LEU A 470 -26.73 -15.21 26.09
C LEU A 470 -27.86 -16.11 26.58
N ALA A 471 -28.33 -17.02 25.72
CA ALA A 471 -29.38 -17.95 26.14
C ALA A 471 -28.90 -18.84 27.27
N THR A 472 -27.66 -19.32 27.18
CA THR A 472 -27.08 -20.12 28.26
C THR A 472 -27.04 -19.34 29.55
N LEU A 473 -26.65 -18.06 29.48
CA LEU A 473 -26.65 -17.23 30.68
C LEU A 473 -28.06 -17.00 31.21
N ARG A 474 -29.06 -16.97 30.32
CA ARG A 474 -30.44 -16.79 30.78
C ARG A 474 -30.88 -17.92 31.69
N VAL A 475 -30.54 -19.17 31.33
CA VAL A 475 -30.93 -20.32 32.14
C VAL A 475 -29.96 -20.61 33.26
N LEU A 476 -28.93 -19.78 33.44
CA LEU A 476 -27.96 -19.99 34.50
C LEU A 476 -28.60 -19.81 35.87
N ILE B 30 -26.14 -3.76 8.89
CA ILE B 30 -25.78 -3.00 7.66
C ILE B 30 -24.54 -2.15 7.95
N GLN B 31 -23.74 -1.93 6.92
CA GLN B 31 -22.49 -1.19 7.06
C GLN B 31 -22.36 -0.22 5.89
N CYS B 32 -21.50 0.79 6.08
CA CYS B 32 -21.04 1.60 4.96
C CYS B 32 -19.83 0.93 4.34
N SER B 33 -19.87 0.72 3.03
CA SER B 33 -18.88 -0.12 2.37
C SER B 33 -17.62 0.64 1.97
N GLN B 34 -17.54 1.93 2.25
CA GLN B 34 -16.41 2.72 1.76
C GLN B 34 -15.08 2.17 2.25
N ARG B 35 -14.95 1.91 3.55
CA ARG B 35 -13.67 1.48 4.07
C ARG B 35 -13.30 0.09 3.58
N MET B 36 -14.29 -0.82 3.53
CA MET B 36 -14.01 -2.16 3.06
C MET B 36 -13.58 -2.14 1.60
N LEU B 37 -14.24 -1.32 0.78
CA LEU B 37 -13.80 -1.18 -0.60
C LEU B 37 -12.39 -0.59 -0.67
N SER B 38 -12.08 0.40 0.16
CA SER B 38 -10.76 1.01 0.12
C SER B 38 -9.68 0.01 0.50
N PHE B 39 -9.92 -0.80 1.54
CA PHE B 39 -8.95 -1.81 1.92
C PHE B 39 -8.78 -2.84 0.81
N SER B 40 -9.89 -3.26 0.18
CA SER B 40 -9.78 -4.19 -0.93
C SER B 40 -8.98 -3.58 -2.07
N ASP B 41 -9.15 -2.27 -2.31
CA ASP B 41 -8.41 -1.61 -3.38
C ASP B 41 -6.92 -1.57 -3.07
N ALA B 42 -6.57 -1.30 -1.82
CA ALA B 42 -5.17 -1.34 -1.43
C ALA B 42 -4.59 -2.73 -1.64
N LEU B 43 -5.36 -3.74 -1.24
CA LEU B 43 -4.92 -5.13 -1.45
C LEU B 43 -4.69 -5.41 -2.92
N LEU B 44 -5.64 -5.02 -3.77
CA LEU B 44 -5.53 -5.30 -5.20
C LEU B 44 -4.38 -4.52 -5.82
N SER B 45 -4.14 -3.30 -5.36
CA SER B 45 -2.99 -2.54 -5.85
C SER B 45 -1.69 -3.27 -5.53
N ILE B 46 -1.55 -3.75 -4.29
CA ILE B 46 -0.35 -4.50 -3.94
C ILE B 46 -0.22 -5.74 -4.81
N ILE B 47 -1.32 -6.46 -4.99
CA ILE B 47 -1.27 -7.68 -5.78
C ILE B 47 -0.86 -7.39 -7.21
N ALA B 48 -1.44 -6.33 -7.81
CA ALA B 48 -1.13 -6.00 -9.19
C ALA B 48 0.34 -5.60 -9.35
N THR B 49 0.86 -4.80 -8.42
CA THR B 49 2.22 -4.31 -8.53
C THR B 49 3.24 -5.25 -7.89
N VAL B 50 2.81 -6.43 -7.45
CA VAL B 50 3.75 -7.38 -6.86
C VAL B 50 4.81 -7.80 -7.88
N MET B 51 4.41 -8.10 -9.12
CA MET B 51 5.31 -8.75 -10.05
C MET B 51 6.45 -7.86 -10.53
N ILE B 52 6.44 -6.56 -10.21
CA ILE B 52 7.54 -5.70 -10.62
C ILE B 52 8.80 -5.98 -9.83
N LEU B 53 8.68 -6.54 -8.63
CA LEU B 53 9.87 -6.68 -7.77
C LEU B 53 10.98 -7.46 -8.44
N PRO B 54 10.74 -8.63 -9.05
CA PRO B 54 11.84 -9.32 -9.75
C PRO B 54 12.44 -8.48 -10.85
N VAL B 55 11.66 -7.63 -11.52
CA VAL B 55 12.20 -6.79 -12.58
C VAL B 55 13.28 -5.87 -12.02
N THR B 56 12.96 -5.16 -10.93
CA THR B 56 13.96 -4.29 -10.32
C THR B 56 15.12 -5.09 -9.74
N HIS B 57 14.84 -6.22 -9.11
CA HIS B 57 15.90 -7.07 -8.56
C HIS B 57 16.72 -7.76 -9.63
N THR B 58 16.31 -7.67 -10.89
CA THR B 58 17.09 -8.25 -11.97
C THR B 58 18.45 -7.55 -12.08
N GLU B 59 19.45 -8.32 -12.50
CA GLU B 59 20.81 -7.80 -12.63
C GLU B 59 20.83 -6.54 -13.49
N ARG B 68 21.25 -12.09 -25.23
CA ARG B 68 20.32 -13.18 -25.48
C ARG B 68 19.90 -13.86 -24.18
N SER B 69 20.77 -13.83 -23.18
CA SER B 69 20.46 -14.36 -21.86
C SER B 69 19.87 -13.29 -20.95
N VAL B 70 20.62 -12.21 -20.71
CA VAL B 70 20.11 -11.13 -19.87
C VAL B 70 18.92 -10.45 -20.54
N GLN B 71 19.07 -10.13 -21.83
CA GLN B 71 18.00 -9.42 -22.53
C GLN B 71 16.72 -10.25 -22.60
N ARG B 72 16.85 -11.52 -22.98
CA ARG B 72 15.68 -12.38 -23.04
C ARG B 72 15.06 -12.57 -21.66
N LEU B 73 15.89 -12.74 -20.64
CA LEU B 73 15.37 -12.93 -19.29
C LEU B 73 14.58 -11.71 -18.85
N LEU B 74 15.13 -10.52 -19.08
CA LEU B 74 14.44 -9.30 -18.67
C LEU B 74 13.18 -9.08 -19.49
N ALA B 75 13.20 -9.44 -20.78
CA ALA B 75 11.99 -9.33 -21.59
C ALA B 75 10.91 -10.26 -21.06
N THR B 76 11.28 -11.48 -20.68
CA THR B 76 10.31 -12.40 -20.09
C THR B 76 9.75 -11.83 -18.80
N ARG B 77 10.62 -11.25 -17.95
CA ARG B 77 10.14 -10.66 -16.71
C ARG B 77 9.15 -9.54 -16.98
N ILE B 78 9.47 -8.66 -17.94
CA ILE B 78 8.61 -7.53 -18.21
C ILE B 78 7.27 -7.98 -18.76
N ALA B 79 7.29 -8.97 -19.67
CA ALA B 79 6.04 -9.49 -20.20
C ALA B 79 5.20 -10.12 -19.10
N VAL B 80 5.83 -10.88 -18.21
CA VAL B 80 5.12 -11.47 -17.08
C VAL B 80 4.48 -10.37 -16.25
N TYR B 81 5.24 -9.31 -15.94
CA TYR B 81 4.71 -8.24 -15.12
C TYR B 81 3.51 -7.59 -15.77
N LEU B 82 3.62 -7.26 -17.06
CA LEU B 82 2.53 -6.56 -17.72
C LEU B 82 1.27 -7.42 -17.79
N MET B 83 1.43 -8.71 -18.14
CA MET B 83 0.26 -9.58 -18.21
C MET B 83 -0.37 -9.77 -16.83
N THR B 84 0.46 -9.93 -15.80
CA THR B 84 -0.07 -10.07 -14.45
C THR B 84 -0.85 -8.83 -14.05
N PHE B 85 -0.30 -7.64 -14.32
CA PHE B 85 -1.01 -6.42 -13.98
C PHE B 85 -2.33 -6.32 -14.72
N LEU B 86 -2.33 -6.68 -16.01
CA LEU B 86 -3.58 -6.59 -16.78
C LEU B 86 -4.63 -7.54 -16.22
N ILE B 87 -4.24 -8.76 -15.89
CA ILE B 87 -5.22 -9.74 -15.41
C ILE B 87 -5.75 -9.32 -14.03
N VAL B 88 -4.86 -8.83 -13.17
CA VAL B 88 -5.32 -8.38 -11.85
C VAL B 88 -6.22 -7.17 -11.99
N THR B 89 -5.95 -6.30 -12.95
CA THR B 89 -6.85 -5.17 -13.16
C THR B 89 -8.20 -5.63 -13.70
N VAL B 90 -8.23 -6.68 -14.53
CA VAL B 90 -9.52 -7.23 -14.95
C VAL B 90 -10.29 -7.75 -13.74
N ALA B 91 -9.61 -8.44 -12.84
CA ALA B 91 -10.26 -8.92 -11.62
C ALA B 91 -10.80 -7.75 -10.80
N TRP B 92 -9.99 -6.70 -10.65
CA TRP B 92 -10.44 -5.54 -9.89
C TRP B 92 -11.63 -4.86 -10.55
N ALA B 93 -11.64 -4.82 -11.88
CA ALA B 93 -12.78 -4.26 -12.60
C ALA B 93 -14.05 -5.07 -12.36
N ALA B 94 -13.96 -6.41 -12.39
CA ALA B 94 -15.13 -7.21 -12.06
C ALA B 94 -15.59 -6.95 -10.62
N HIS B 95 -14.64 -6.84 -9.70
CA HIS B 95 -14.96 -6.55 -8.31
C HIS B 95 -15.70 -5.21 -8.18
N THR B 96 -15.25 -4.21 -8.93
CA THR B 96 -15.87 -2.89 -8.85
C THR B 96 -17.32 -2.94 -9.31
N ARG B 97 -17.58 -3.62 -10.43
CA ARG B 97 -18.96 -3.76 -10.89
C ARG B 97 -19.80 -4.49 -9.84
N LEU B 98 -19.26 -5.58 -9.32
CA LEU B 98 -19.99 -6.34 -8.30
C LEU B 98 -20.41 -5.45 -7.15
N PHE B 99 -19.46 -4.71 -6.57
CA PHE B 99 -19.79 -3.90 -5.41
C PHE B 99 -20.45 -2.58 -5.78
N GLN B 100 -20.55 -2.27 -7.07
CA GLN B 100 -21.52 -1.27 -7.50
C GLN B 100 -22.93 -1.80 -7.38
N VAL B 101 -23.16 -3.04 -7.82
CA VAL B 101 -24.51 -3.59 -7.76
C VAL B 101 -24.97 -3.76 -6.31
N VAL B 102 -24.16 -4.40 -5.48
CA VAL B 102 -24.51 -4.61 -4.08
C VAL B 102 -23.93 -3.47 -3.24
N GLY B 103 -24.69 -2.40 -3.11
CA GLY B 103 -24.20 -1.19 -2.46
C GLY B 103 -23.83 -1.40 -1.00
N LYS B 104 -24.83 -1.65 -0.16
CA LYS B 104 -24.56 -1.88 1.25
C LYS B 104 -23.78 -3.18 1.43
N THR B 105 -23.39 -3.45 2.67
CA THR B 105 -22.59 -4.63 2.99
C THR B 105 -23.04 -5.20 4.33
N ASP B 106 -22.36 -6.25 4.81
CA ASP B 106 -22.71 -6.85 6.05
C ASP B 106 -21.45 -7.52 6.52
N ASP B 107 -21.33 -7.92 7.77
CA ASP B 107 -20.26 -8.73 8.35
C ASP B 107 -20.01 -10.04 7.58
N THR B 108 -21.06 -10.80 7.27
CA THR B 108 -20.88 -12.02 6.50
C THR B 108 -20.41 -11.69 5.09
N LEU B 109 -20.96 -10.63 4.50
CA LEU B 109 -20.52 -10.22 3.18
C LEU B 109 -19.09 -9.70 3.21
N ALA B 110 -18.70 -9.02 4.28
CA ALA B 110 -17.31 -8.60 4.42
C ALA B 110 -16.38 -9.80 4.49
N LEU B 111 -16.77 -10.84 5.22
CA LEU B 111 -15.95 -12.04 5.28
C LEU B 111 -15.85 -12.72 3.92
N LEU B 112 -16.97 -12.74 3.17
CA LEU B 112 -16.92 -13.28 1.82
C LEU B 112 -15.97 -12.48 0.95
N ASN B 113 -15.99 -11.16 1.09
CA ASN B 113 -15.04 -10.33 0.33
C ASN B 113 -13.61 -10.63 0.71
N LEU B 114 -13.35 -10.84 2.00
CA LEU B 114 -12.00 -11.21 2.43
C LEU B 114 -11.58 -12.53 1.80
N ALA B 115 -12.49 -13.50 1.76
CA ALA B 115 -12.19 -14.76 1.08
C ALA B 115 -11.89 -14.53 -0.40
N CYS B 116 -12.66 -13.65 -1.06
CA CYS B 116 -12.41 -13.33 -2.45
C CYS B 116 -11.01 -12.76 -2.64
N MET B 117 -10.61 -11.84 -1.76
CA MET B 117 -9.28 -11.26 -1.84
C MET B 117 -8.21 -12.31 -1.62
N MET B 118 -8.46 -13.26 -0.71
CA MET B 118 -7.47 -14.29 -0.45
C MET B 118 -7.15 -15.12 -1.68
N THR B 119 -8.09 -15.25 -2.61
CA THR B 119 -7.82 -15.98 -3.85
C THR B 119 -7.34 -15.05 -4.96
N ILE B 120 -7.84 -13.83 -5.03
CA ILE B 120 -7.34 -12.88 -6.02
C ILE B 120 -5.86 -12.62 -5.80
N THR B 121 -5.39 -12.75 -4.55
CA THR B 121 -3.99 -12.53 -4.26
C THR B 121 -3.09 -13.58 -4.90
N PHE B 122 -3.63 -14.74 -5.27
CA PHE B 122 -2.80 -15.79 -5.86
C PHE B 122 -2.65 -15.68 -7.37
N LEU B 123 -3.43 -14.82 -8.02
CA LEU B 123 -3.35 -14.75 -9.48
C LEU B 123 -1.93 -14.51 -9.97
N PRO B 124 -1.16 -13.59 -9.40
CA PRO B 124 0.22 -13.41 -9.88
C PRO B 124 1.04 -14.69 -9.85
N TYR B 125 1.06 -15.39 -8.72
CA TYR B 125 1.93 -16.55 -8.59
C TYR B 125 1.56 -17.64 -9.58
N THR B 126 0.27 -17.96 -9.67
CA THR B 126 -0.13 -19.05 -10.57
C THR B 126 0.02 -18.65 -12.03
N PHE B 127 -0.21 -17.38 -12.37
CA PHE B 127 0.03 -16.97 -13.76
C PHE B 127 1.51 -17.09 -14.09
N SER B 128 2.38 -16.67 -13.17
CA SER B 128 3.81 -16.80 -13.42
C SER B 128 4.19 -18.26 -13.58
N LEU B 129 3.63 -19.13 -12.73
CA LEU B 129 3.94 -20.56 -12.83
C LEU B 129 3.46 -21.13 -14.15
N MET B 130 2.25 -20.76 -14.58
CA MET B 130 1.71 -21.26 -15.85
C MET B 130 2.57 -20.78 -17.01
N VAL B 131 3.00 -19.52 -16.99
CA VAL B 131 3.88 -19.04 -18.05
C VAL B 131 5.21 -19.78 -18.01
N THR B 132 5.69 -20.13 -16.82
CA THR B 132 6.93 -20.89 -16.70
C THR B 132 6.76 -22.34 -17.13
N PHE B 133 5.57 -22.91 -16.94
CA PHE B 133 5.35 -24.31 -17.26
C PHE B 133 4.11 -24.48 -18.12
N PRO B 134 4.08 -23.91 -19.32
CA PRO B 134 2.95 -24.16 -20.23
C PRO B 134 2.86 -25.60 -20.70
N ASP B 135 3.97 -26.35 -20.65
CA ASP B 135 3.96 -27.72 -21.13
C ASP B 135 3.06 -28.60 -20.27
N VAL B 136 3.25 -28.57 -18.96
CA VAL B 136 2.55 -29.49 -18.07
C VAL B 136 1.14 -28.93 -17.80
N PRO B 137 0.15 -29.79 -17.55
CA PRO B 137 -1.20 -29.27 -17.30
C PRO B 137 -1.41 -28.76 -15.89
N LEU B 138 -0.50 -29.05 -14.97
CA LEU B 138 -0.72 -28.67 -13.57
C LEU B 138 -0.77 -27.16 -13.41
N GLY B 139 0.13 -26.44 -14.08
CA GLY B 139 0.15 -24.99 -13.94
C GLY B 139 -1.11 -24.33 -14.48
N ILE B 140 -1.52 -24.74 -15.69
CA ILE B 140 -2.74 -24.18 -16.25
C ILE B 140 -3.93 -24.54 -15.39
N PHE B 141 -3.94 -25.76 -14.85
CA PHE B 141 -5.00 -26.15 -13.93
C PHE B 141 -5.02 -25.26 -12.69
N LEU B 142 -3.84 -24.92 -12.17
CA LEU B 142 -3.77 -24.07 -10.99
C LEU B 142 -4.33 -22.69 -11.26
N PHE B 143 -3.90 -22.08 -12.37
CA PHE B 143 -4.44 -20.77 -12.73
C PHE B 143 -5.95 -20.85 -12.91
N CYS B 144 -6.41 -21.91 -13.56
CA CYS B 144 -7.85 -22.08 -13.78
C CYS B 144 -8.61 -22.21 -12.47
N VAL B 145 -8.09 -22.99 -11.53
CA VAL B 145 -8.81 -23.14 -10.26
C VAL B 145 -8.82 -21.82 -9.52
N CYS B 146 -7.74 -21.05 -9.60
CA CYS B 146 -7.74 -19.73 -8.97
C CYS B 146 -8.86 -18.87 -9.54
N VAL B 147 -8.98 -18.82 -10.87
CA VAL B 147 -9.99 -17.94 -11.47
C VAL B 147 -11.40 -18.44 -11.14
N ILE B 148 -11.61 -19.76 -11.17
CA ILE B 148 -12.93 -20.30 -10.83
C ILE B 148 -13.25 -20.07 -9.36
N ALA B 149 -12.23 -20.12 -8.49
CA ALA B 149 -12.46 -19.79 -7.08
C ALA B 149 -12.91 -18.35 -6.93
N ILE B 150 -12.24 -17.43 -7.62
CA ILE B 150 -12.66 -16.04 -7.60
C ILE B 150 -14.11 -15.93 -8.05
N GLY B 151 -14.43 -16.60 -9.15
CA GLY B 151 -15.78 -16.51 -9.69
C GLY B 151 -16.83 -17.08 -8.75
N VAL B 152 -16.55 -18.21 -8.12
CA VAL B 152 -17.54 -18.85 -7.26
C VAL B 152 -17.75 -18.01 -6.00
N VAL B 153 -16.67 -17.43 -5.45
CA VAL B 153 -16.85 -16.54 -4.31
C VAL B 153 -17.71 -15.35 -4.70
N GLN B 154 -17.46 -14.76 -5.87
CA GLN B 154 -18.29 -13.64 -6.29
C GLN B 154 -19.74 -14.09 -6.54
N ALA B 155 -19.93 -15.30 -7.03
CA ALA B 155 -21.28 -15.82 -7.22
C ALA B 155 -22.01 -15.98 -5.90
N LEU B 156 -21.30 -16.46 -4.88
CA LEU B 156 -21.90 -16.53 -3.55
C LEU B 156 -22.28 -15.15 -3.06
N ILE B 157 -21.41 -14.16 -3.33
CA ILE B 157 -21.74 -12.80 -2.92
C ILE B 157 -23.02 -12.33 -3.60
N VAL B 158 -23.16 -12.60 -4.90
CA VAL B 158 -24.38 -12.22 -5.61
C VAL B 158 -25.59 -12.92 -5.01
N GLY B 159 -25.49 -14.23 -4.79
CA GLY B 159 -26.62 -14.97 -4.26
C GLY B 159 -27.06 -14.44 -2.91
N TYR B 160 -26.10 -14.14 -2.04
CA TYR B 160 -26.42 -13.60 -0.73
C TYR B 160 -27.04 -12.22 -0.86
N ALA B 161 -26.47 -11.37 -1.71
CA ALA B 161 -27.01 -10.03 -1.89
C ALA B 161 -28.47 -10.09 -2.33
N PHE B 162 -28.79 -10.99 -3.26
CA PHE B 162 -30.17 -11.11 -3.73
C PHE B 162 -31.06 -11.87 -2.75
N HIS B 163 -30.48 -12.64 -1.85
CA HIS B 163 -31.28 -13.24 -0.77
C HIS B 163 -31.66 -12.22 0.29
N PHE B 164 -30.95 -11.10 0.35
CA PHE B 164 -31.25 -10.00 1.27
C PHE B 164 -31.37 -8.73 0.44
N PRO B 165 -32.54 -8.47 -0.15
CA PRO B 165 -32.65 -7.38 -1.13
C PRO B 165 -32.20 -6.03 -0.61
N HIS B 166 -32.41 -5.73 0.67
CA HIS B 166 -32.08 -4.41 1.18
C HIS B 166 -30.60 -4.07 1.02
N LEU B 167 -29.73 -5.06 0.92
CA LEU B 167 -28.30 -4.79 0.75
C LEU B 167 -27.98 -4.24 -0.64
N LEU B 168 -28.88 -4.39 -1.60
CA LEU B 168 -28.60 -3.94 -2.97
C LEU B 168 -28.64 -2.41 -3.05
N SER B 169 -28.07 -1.89 -4.14
CA SER B 169 -28.11 -0.46 -4.37
C SER B 169 -29.55 0.01 -4.51
N PRO B 170 -29.85 1.24 -4.10
CA PRO B 170 -31.27 1.64 -4.03
C PRO B 170 -32.01 1.52 -5.35
N GLN B 171 -31.37 1.86 -6.47
CA GLN B 171 -32.06 1.76 -7.75
C GLN B 171 -32.28 0.31 -8.14
N ILE B 172 -31.33 -0.57 -7.81
CA ILE B 172 -31.52 -1.99 -8.08
C ILE B 172 -32.67 -2.54 -7.23
N GLN B 173 -32.75 -2.11 -5.97
CA GLN B 173 -33.85 -2.55 -5.12
C GLN B 173 -35.19 -2.23 -5.76
N ARG B 174 -35.26 -1.12 -6.49
CA ARG B 174 -36.47 -0.75 -7.22
C ARG B 174 -36.73 -1.64 -8.42
N SER B 175 -35.68 -2.18 -9.04
CA SER B 175 -35.82 -2.89 -10.31
C SER B 175 -36.88 -4.00 -10.19
N ALA B 176 -37.90 -3.93 -11.04
CA ALA B 176 -38.89 -5.00 -11.12
C ALA B 176 -38.31 -6.25 -11.76
N HIS B 177 -37.13 -6.15 -12.38
CA HIS B 177 -36.46 -7.28 -13.00
C HIS B 177 -35.48 -7.98 -12.07
N ARG B 178 -35.73 -7.96 -10.76
CA ARG B 178 -34.78 -8.54 -9.82
C ARG B 178 -34.43 -9.98 -10.19
N ALA B 179 -35.42 -10.73 -10.68
CA ALA B 179 -35.16 -12.10 -11.12
C ALA B 179 -34.25 -12.11 -12.34
N LEU B 180 -34.66 -11.44 -13.42
CA LEU B 180 -33.88 -11.45 -14.64
C LEU B 180 -32.54 -10.75 -14.45
N TYR B 181 -32.52 -9.67 -13.67
CA TYR B 181 -31.25 -9.00 -13.41
C TYR B 181 -30.34 -9.88 -12.57
N ARG B 182 -30.89 -10.65 -11.64
CA ARG B 182 -30.07 -11.60 -10.91
C ARG B 182 -29.45 -12.58 -11.88
N ARG B 183 -30.27 -13.13 -12.78
CA ARG B 183 -29.76 -14.10 -13.74
C ARG B 183 -28.65 -13.48 -14.59
N HIS B 184 -28.83 -12.23 -15.01
CA HIS B 184 -27.80 -11.57 -15.81
C HIS B 184 -26.52 -11.37 -15.01
N VAL B 185 -26.64 -11.00 -13.73
CA VAL B 185 -25.45 -10.79 -12.91
C VAL B 185 -24.70 -12.10 -12.73
N LEU B 186 -25.41 -13.19 -12.45
CA LEU B 186 -24.75 -14.48 -12.39
C LEU B 186 -24.14 -14.86 -13.73
N GLY B 187 -24.80 -14.54 -14.83
CA GLY B 187 -24.23 -14.85 -16.13
C GLY B 187 -22.91 -14.15 -16.35
N ILE B 188 -22.87 -12.84 -16.08
CA ILE B 188 -21.64 -12.09 -16.27
C ILE B 188 -20.55 -12.60 -15.34
N VAL B 189 -20.89 -12.85 -14.08
CA VAL B 189 -19.89 -13.28 -13.11
C VAL B 189 -19.32 -14.65 -13.50
N LEU B 190 -20.19 -15.58 -13.91
CA LEU B 190 -19.79 -16.95 -14.16
C LEU B 190 -19.28 -17.19 -15.58
N GLN B 191 -19.41 -16.21 -16.48
CA GLN B 191 -18.89 -16.41 -17.83
C GLN B 191 -17.44 -16.85 -17.80
N GLY B 192 -16.65 -16.27 -16.89
CA GLY B 192 -15.27 -16.65 -16.74
C GLY B 192 -15.13 -18.08 -16.26
N PRO B 193 -15.58 -18.34 -15.03
CA PRO B 193 -15.46 -19.70 -14.48
C PRO B 193 -15.79 -20.80 -15.47
N ALA B 194 -16.85 -20.65 -16.25
CA ALA B 194 -17.21 -21.70 -17.21
C ALA B 194 -16.11 -21.89 -18.25
N LEU B 195 -15.64 -20.78 -18.83
CA LEU B 195 -14.60 -20.89 -19.86
C LEU B 195 -13.30 -21.44 -19.29
N CYS B 196 -12.93 -21.01 -18.08
CA CYS B 196 -11.73 -21.54 -17.46
C CYS B 196 -11.86 -23.03 -17.14
N PHE B 197 -13.05 -23.47 -16.71
CA PHE B 197 -13.25 -24.89 -16.49
C PHE B 197 -13.11 -25.67 -17.79
N ALA B 198 -13.69 -25.14 -18.87
CA ALA B 198 -13.56 -25.80 -20.17
C ALA B 198 -12.09 -25.89 -20.58
N ALA B 199 -11.35 -24.80 -20.38
CA ALA B 199 -9.93 -24.80 -20.72
C ALA B 199 -9.15 -25.80 -19.87
N ALA B 200 -9.47 -25.89 -18.59
CA ALA B 200 -8.79 -26.84 -17.73
C ALA B 200 -9.06 -28.27 -18.18
N ILE B 201 -10.30 -28.56 -18.56
CA ILE B 201 -10.62 -29.90 -19.08
C ILE B 201 -9.83 -30.16 -20.36
N PHE B 202 -9.82 -29.19 -21.26
CA PHE B 202 -9.13 -29.37 -22.54
C PHE B 202 -7.62 -29.48 -22.38
N SER B 203 -7.07 -28.96 -21.28
CA SER B 203 -5.62 -28.96 -21.10
C SER B 203 -5.02 -30.36 -21.15
N LEU B 204 -5.82 -31.39 -20.84
CA LEU B 204 -5.31 -32.76 -20.85
C LEU B 204 -5.14 -33.30 -22.26
N PHE B 205 -5.81 -32.68 -23.25
CA PHE B 205 -5.76 -33.16 -24.63
C PHE B 205 -5.05 -32.18 -25.55
N PHE B 206 -5.50 -30.92 -25.62
CA PHE B 206 -4.90 -29.94 -26.53
C PHE B 206 -4.91 -28.59 -25.81
N VAL B 207 -3.72 -28.13 -25.43
CA VAL B 207 -3.58 -26.90 -24.64
C VAL B 207 -3.88 -25.65 -25.46
N PRO B 208 -3.63 -25.62 -26.78
CA PRO B 208 -3.96 -24.39 -27.52
C PRO B 208 -5.43 -24.00 -27.38
N LEU B 209 -6.33 -24.98 -27.41
CA LEU B 209 -7.74 -24.69 -27.21
C LEU B 209 -7.98 -24.12 -25.82
N SER B 210 -7.29 -24.66 -24.82
CA SER B 210 -7.44 -24.14 -23.46
C SER B 210 -7.00 -22.69 -23.36
N TYR B 211 -5.87 -22.35 -23.99
CA TYR B 211 -5.42 -20.95 -23.97
C TYR B 211 -6.38 -20.04 -24.72
N LEU B 212 -6.92 -20.52 -25.85
CA LEU B 212 -7.90 -19.73 -26.58
C LEU B 212 -9.13 -19.47 -25.72
N LEU B 213 -9.63 -20.50 -25.04
CA LEU B 213 -10.75 -20.31 -24.15
C LEU B 213 -10.41 -19.33 -23.03
N MET B 214 -9.21 -19.45 -22.47
CA MET B 214 -8.79 -18.54 -21.41
C MET B 214 -8.87 -17.09 -21.88
N VAL B 215 -8.25 -16.79 -23.02
CA VAL B 215 -8.29 -15.42 -23.53
C VAL B 215 -9.71 -15.00 -23.89
N THR B 216 -10.57 -15.96 -24.23
CA THR B 216 -11.96 -15.62 -24.51
C THR B 216 -12.63 -14.95 -23.32
N VAL B 217 -12.14 -15.20 -22.10
CA VAL B 217 -12.74 -14.59 -20.93
C VAL B 217 -12.65 -13.07 -21.01
N ILE B 218 -11.49 -12.56 -21.42
CA ILE B 218 -11.34 -11.12 -21.56
C ILE B 218 -11.86 -10.64 -22.91
N LEU B 219 -11.93 -11.52 -23.91
CA LEU B 219 -12.49 -11.13 -25.20
C LEU B 219 -13.98 -10.80 -25.08
N LEU B 220 -14.74 -11.70 -24.44
CA LEU B 220 -16.20 -11.61 -24.45
C LEU B 220 -16.75 -10.32 -23.88
N PRO B 221 -16.35 -9.85 -22.69
CA PRO B 221 -16.98 -8.64 -22.14
C PRO B 221 -16.81 -7.41 -23.02
N TYR B 222 -15.71 -7.30 -23.75
CA TYR B 222 -15.53 -6.19 -24.68
C TYR B 222 -16.32 -6.37 -25.97
N VAL B 223 -16.48 -7.62 -26.42
CA VAL B 223 -17.06 -7.86 -27.74
C VAL B 223 -18.56 -8.19 -27.67
N SER B 224 -19.01 -8.81 -26.58
CA SER B 224 -20.41 -9.22 -26.47
C SER B 224 -20.78 -10.19 -27.58
N GLU B 254 -19.97 2.65 -19.60
CA GLU B 254 -20.34 2.30 -18.23
C GLU B 254 -19.42 2.97 -17.23
N PRO B 255 -19.99 3.57 -16.18
CA PRO B 255 -19.15 4.28 -15.20
C PRO B 255 -18.44 3.31 -14.27
N LEU B 256 -17.14 3.53 -14.10
CA LEU B 256 -16.39 2.93 -13.00
C LEU B 256 -16.43 3.92 -11.84
N SER B 257 -16.96 3.49 -10.70
CA SER B 257 -17.09 4.36 -9.54
C SER B 257 -15.78 5.08 -9.28
N LYS B 258 -15.83 6.41 -9.34
CA LYS B 258 -14.59 7.19 -9.34
C LYS B 258 -13.71 6.83 -8.15
N GLU B 259 -14.29 6.75 -6.97
CA GLU B 259 -13.50 6.52 -5.76
C GLU B 259 -12.65 5.27 -5.89
N ARG B 260 -13.20 4.22 -6.52
CA ARG B 260 -12.43 3.01 -6.71
C ARG B 260 -11.21 3.27 -7.60
N VAL B 261 -11.40 4.04 -8.68
CA VAL B 261 -10.29 4.33 -9.57
C VAL B 261 -9.23 5.14 -8.83
N GLU B 262 -9.65 6.16 -8.09
CA GLU B 262 -8.65 6.97 -7.37
C GLU B 262 -7.92 6.12 -6.34
N ALA B 263 -8.62 5.25 -5.62
CA ALA B 263 -7.95 4.43 -4.62
C ALA B 263 -6.95 3.49 -5.27
N PHE B 264 -7.34 2.84 -6.37
CA PHE B 264 -6.41 1.93 -7.03
C PHE B 264 -5.19 2.67 -7.55
N SER B 265 -5.40 3.82 -8.19
CA SER B 265 -4.28 4.57 -8.73
C SER B 265 -3.38 5.09 -7.62
N ASP B 266 -3.96 5.55 -6.52
CA ASP B 266 -3.15 6.02 -5.40
C ASP B 266 -2.32 4.90 -4.82
N GLY B 267 -2.90 3.71 -4.65
CA GLY B 267 -2.12 2.58 -4.19
C GLY B 267 -0.97 2.27 -5.12
N VAL B 268 -1.25 2.25 -6.42
CA VAL B 268 -0.20 1.94 -7.41
C VAL B 268 0.93 2.96 -7.32
N TYR B 269 0.58 4.25 -7.33
CA TYR B 269 1.61 5.28 -7.30
C TYR B 269 2.40 5.24 -6.00
N ALA B 270 1.71 5.03 -4.88
CA ALA B 270 2.39 4.99 -3.59
C ALA B 270 3.38 3.82 -3.51
N ILE B 271 3.00 2.66 -4.00
CA ILE B 271 3.92 1.52 -3.95
C ILE B 271 5.09 1.75 -4.90
N VAL B 272 4.80 2.26 -6.11
CA VAL B 272 5.85 2.42 -7.11
C VAL B 272 6.85 3.47 -6.67
N ALA B 273 6.40 4.56 -6.03
CA ALA B 273 7.32 5.60 -5.61
C ALA B 273 8.33 5.08 -4.59
N THR B 274 7.98 4.05 -3.82
CA THR B 274 8.80 3.62 -2.71
C THR B 274 9.45 2.26 -2.90
N LEU B 275 9.23 1.59 -4.03
CA LEU B 275 10.04 0.41 -4.34
C LEU B 275 11.52 0.62 -4.01
N LEU B 276 12.11 1.70 -4.52
CA LEU B 276 13.55 1.86 -4.38
C LEU B 276 13.98 2.03 -2.93
N ILE B 277 13.29 2.87 -2.15
CA ILE B 277 13.66 3.01 -0.75
C ILE B 277 13.45 1.69 -0.01
N LEU B 278 12.41 0.94 -0.38
CA LEU B 278 12.24 -0.38 0.20
C LEU B 278 13.48 -1.22 -0.03
N ASP B 279 14.00 -1.20 -1.26
CA ASP B 279 15.21 -1.96 -1.57
C ASP B 279 16.40 -1.45 -0.73
N ILE B 280 16.54 -0.13 -0.65
CA ILE B 280 17.69 0.46 0.03
C ILE B 280 17.70 0.06 1.49
N CYS B 281 16.55 0.12 2.15
CA CYS B 281 16.49 -0.19 3.58
C CYS B 281 17.03 -1.59 3.85
N GLU B 282 16.63 -2.56 3.02
CA GLU B 282 17.07 -3.93 3.24
C GLU B 282 18.55 -4.12 2.89
N ASP B 283 18.98 -3.60 1.73
CA ASP B 283 20.34 -3.87 1.23
C ASP B 283 21.46 -2.96 1.59
N ASN B 284 21.32 -1.66 1.35
CA ASN B 284 22.46 -0.74 1.52
C ASN B 284 22.86 -0.30 2.90
N VAL B 285 22.22 -0.78 3.98
CA VAL B 285 22.73 -0.37 5.29
C VAL B 285 24.11 -1.00 5.46
N PRO B 286 25.18 -0.22 5.58
CA PRO B 286 26.52 -0.81 5.65
C PRO B 286 26.71 -1.68 6.88
N ASP B 287 27.48 -2.75 6.71
CA ASP B 287 27.87 -3.59 7.82
C ASP B 287 29.07 -2.98 8.54
N PRO B 288 28.99 -2.72 9.85
CA PRO B 288 30.17 -2.20 10.56
C PRO B 288 31.39 -3.08 10.39
N LYS B 289 31.22 -4.40 10.40
CA LYS B 289 32.34 -5.29 10.11
C LYS B 289 32.87 -5.06 8.71
N ASP B 290 32.00 -4.66 7.78
CA ASP B 290 32.43 -4.33 6.42
C ASP B 290 33.06 -2.94 6.36
N VAL B 291 32.46 -1.96 7.04
CA VAL B 291 32.94 -0.59 6.94
C VAL B 291 34.31 -0.46 7.59
N LYS B 292 34.52 -1.13 8.72
CA LYS B 292 35.78 -1.02 9.46
C LYS B 292 36.95 -1.43 8.59
N GLU B 293 36.77 -2.38 7.68
CA GLU B 293 37.84 -2.89 6.84
C GLU B 293 37.88 -2.19 5.48
N ARG B 294 36.75 -2.13 4.78
CA ARG B 294 36.74 -1.59 3.43
C ARG B 294 37.13 -0.12 3.40
N PHE B 295 36.83 0.64 4.45
CA PHE B 295 37.08 2.07 4.48
C PHE B 295 37.82 2.51 5.75
N SER B 296 38.34 1.56 6.52
CA SER B 296 39.09 1.90 7.74
C SER B 296 38.27 2.78 8.67
N GLY B 297 36.97 2.51 8.76
CA GLY B 297 36.07 3.29 9.59
C GLY B 297 35.53 4.54 8.95
N SER B 298 35.81 4.78 7.67
CA SER B 298 35.30 5.96 6.96
C SER B 298 33.90 5.61 6.45
N LEU B 299 32.90 5.93 7.26
CA LEU B 299 31.53 5.61 6.90
C LEU B 299 31.06 6.44 5.70
N VAL B 300 31.48 7.70 5.64
CA VAL B 300 31.09 8.55 4.53
C VAL B 300 31.52 7.95 3.21
N ALA B 301 32.67 7.26 3.19
CA ALA B 301 33.07 6.54 1.98
C ALA B 301 32.04 5.49 1.60
N ALA B 302 31.52 4.76 2.58
CA ALA B 302 30.48 3.78 2.31
C ALA B 302 29.23 4.45 1.73
N LEU B 303 28.83 5.58 2.32
CA LEU B 303 27.67 6.29 1.78
C LEU B 303 27.91 6.71 0.34
N SER B 304 29.07 7.30 0.06
CA SER B 304 29.36 7.73 -1.30
C SER B 304 29.41 6.55 -2.25
N ALA B 305 29.77 5.37 -1.76
CA ALA B 305 29.79 4.18 -2.61
C ALA B 305 28.41 3.88 -3.18
N THR B 306 27.35 4.02 -2.39
CA THR B 306 26.00 3.72 -2.83
C THR B 306 25.21 4.96 -3.23
N GLY B 307 25.83 6.14 -3.18
CA GLY B 307 25.20 7.36 -3.62
C GLY B 307 24.32 7.23 -4.86
N PRO B 308 24.81 6.51 -5.87
CA PRO B 308 23.99 6.35 -7.08
C PRO B 308 22.62 5.76 -6.82
N ARG B 309 22.51 4.81 -5.89
CA ARG B 309 21.19 4.26 -5.58
C ARG B 309 20.28 5.32 -4.97
N PHE B 310 20.83 6.17 -4.09
CA PHE B 310 20.03 7.26 -3.54
C PHE B 310 19.57 8.20 -4.65
N LEU B 311 20.45 8.52 -5.59
CA LEU B 311 20.06 9.39 -6.69
C LEU B 311 18.95 8.74 -7.53
N ALA B 312 19.07 7.44 -7.76
CA ALA B 312 18.02 6.72 -8.50
C ALA B 312 16.69 6.81 -7.75
N TYR B 313 16.72 6.63 -6.43
CA TYR B 313 15.49 6.75 -5.65
C TYR B 313 14.92 8.16 -5.76
N PHE B 314 15.78 9.18 -5.68
CA PHE B 314 15.30 10.55 -5.77
C PHE B 314 14.60 10.78 -7.11
N GLY B 315 15.25 10.38 -8.20
CA GLY B 315 14.62 10.57 -9.50
C GLY B 315 13.31 9.81 -9.63
N SER B 316 13.29 8.56 -9.17
CA SER B 316 12.07 7.77 -9.26
C SER B 316 10.95 8.41 -8.47
N PHE B 317 11.22 8.84 -7.24
CA PHE B 317 10.18 9.44 -6.43
C PHE B 317 9.70 10.74 -7.04
N ALA B 318 10.62 11.57 -7.53
CA ALA B 318 10.21 12.83 -8.13
C ALA B 318 9.28 12.58 -9.31
N THR B 319 9.68 11.70 -10.23
CA THR B 319 8.86 11.45 -11.40
C THR B 319 7.51 10.85 -11.03
N VAL B 320 7.51 9.84 -10.16
CA VAL B 320 6.26 9.17 -9.81
C VAL B 320 5.33 10.13 -9.07
N GLY B 321 5.87 10.91 -8.14
CA GLY B 321 5.03 11.85 -7.41
C GLY B 321 4.46 12.94 -8.29
N LEU B 322 5.26 13.42 -9.25
CA LEU B 322 4.74 14.45 -10.15
C LEU B 322 3.69 13.87 -11.08
N LEU B 323 3.88 12.63 -11.52
CA LEU B 323 2.81 11.97 -12.28
C LEU B 323 1.55 11.84 -11.44
N TRP B 324 1.71 11.51 -10.16
CA TRP B 324 0.54 11.43 -9.29
C TRP B 324 -0.12 12.79 -9.13
N PHE B 325 0.69 13.85 -9.09
CA PHE B 325 0.13 15.20 -9.01
C PHE B 325 -0.69 15.52 -10.24
N ALA B 326 -0.16 15.20 -11.42
CA ALA B 326 -0.92 15.41 -12.66
C ALA B 326 -2.21 14.61 -12.65
N HIS B 327 -2.14 13.34 -12.25
CA HIS B 327 -3.33 12.49 -12.21
C HIS B 327 -4.35 13.02 -11.23
N HIS B 328 -3.88 13.48 -10.07
CA HIS B 328 -4.79 14.01 -9.05
C HIS B 328 -5.49 15.26 -9.54
N SER B 329 -4.73 16.17 -10.16
CA SER B 329 -5.34 17.38 -10.70
C SER B 329 -6.34 17.04 -11.79
N LEU B 330 -6.02 16.06 -12.63
CA LEU B 330 -6.98 15.61 -13.64
C LEU B 330 -8.27 15.12 -13.00
N PHE B 331 -8.14 14.20 -12.05
CA PHE B 331 -9.33 13.53 -11.54
C PHE B 331 -10.17 14.41 -10.64
N LEU B 332 -9.57 15.41 -10.00
CA LEU B 332 -10.37 16.31 -9.17
C LEU B 332 -11.43 17.03 -9.99
N HIS B 333 -11.20 17.20 -11.28
CA HIS B 333 -12.19 17.82 -12.16
C HIS B 333 -13.03 16.80 -12.91
N VAL B 334 -12.78 15.52 -12.73
CA VAL B 334 -13.50 14.47 -13.44
C VAL B 334 -14.73 14.08 -12.65
N ARG B 335 -15.88 14.01 -13.33
CA ARG B 335 -17.15 13.71 -12.67
C ARG B 335 -17.53 12.24 -12.77
N LYS B 336 -17.27 11.59 -13.90
CA LYS B 336 -17.62 10.18 -14.09
C LYS B 336 -16.54 9.55 -14.96
N ALA B 337 -15.87 8.54 -14.43
CA ALA B 337 -14.86 7.81 -15.20
C ALA B 337 -15.56 6.76 -16.07
N THR B 338 -15.50 6.96 -17.39
CA THR B 338 -16.10 6.01 -18.31
C THR B 338 -15.13 4.84 -18.54
N ARG B 339 -15.67 3.72 -19.02
CA ARG B 339 -14.84 2.52 -19.16
C ARG B 339 -13.63 2.80 -20.05
N ALA B 340 -13.76 3.73 -21.00
CA ALA B 340 -12.59 4.16 -21.75
C ALA B 340 -11.56 4.79 -20.82
N MET B 341 -12.01 5.62 -19.88
CA MET B 341 -11.10 6.19 -18.90
C MET B 341 -10.47 5.10 -18.05
N GLY B 342 -11.23 4.06 -17.70
CA GLY B 342 -10.66 2.95 -16.97
C GLY B 342 -9.56 2.25 -17.76
N LEU B 343 -9.80 2.00 -19.05
CA LEU B 343 -8.79 1.37 -19.89
C LEU B 343 -7.52 2.21 -19.93
N LEU B 344 -7.67 3.52 -20.19
CA LEU B 344 -6.51 4.38 -20.28
C LEU B 344 -5.77 4.46 -18.95
N ASN B 345 -6.50 4.47 -17.85
CA ASN B 345 -5.86 4.49 -16.54
C ASN B 345 -5.10 3.20 -16.27
N THR B 346 -5.67 2.08 -16.70
CA THR B 346 -4.96 0.81 -16.57
C THR B 346 -3.66 0.85 -17.33
N LEU B 347 -3.69 1.32 -18.56
CA LEU B 347 -2.46 1.38 -19.35
C LEU B 347 -1.45 2.34 -18.70
N SER B 348 -1.94 3.49 -18.22
CA SER B 348 -1.05 4.47 -17.60
C SER B 348 -0.37 3.88 -16.37
N LEU B 349 -1.12 3.19 -15.52
CA LEU B 349 -0.51 2.60 -14.33
C LEU B 349 0.46 1.48 -14.70
N ALA B 350 0.07 0.64 -15.66
CA ALA B 350 0.95 -0.45 -16.07
C ALA B 350 2.30 0.10 -16.50
N PHE B 351 2.29 1.18 -17.29
CA PHE B 351 3.56 1.75 -17.72
C PHE B 351 4.24 2.55 -16.63
N VAL B 352 3.48 3.14 -15.70
CA VAL B 352 4.08 3.83 -14.57
C VAL B 352 4.89 2.86 -13.75
N GLY B 353 4.49 1.59 -13.76
CA GLY B 353 5.29 0.60 -13.06
C GLY B 353 6.74 0.58 -13.49
N GLY B 354 7.03 0.94 -14.74
CA GLY B 354 8.37 0.78 -15.27
C GLY B 354 9.40 1.76 -14.72
N LEU B 355 8.96 2.92 -14.21
CA LEU B 355 9.90 3.99 -13.90
C LEU B 355 11.04 3.55 -13.00
N PRO B 356 10.82 2.78 -11.93
CA PRO B 356 11.95 2.33 -11.11
C PRO B 356 13.01 1.62 -11.92
N LEU B 357 12.60 0.78 -12.88
CA LEU B 357 13.57 0.10 -13.74
C LEU B 357 14.34 1.12 -14.57
N ALA B 358 13.65 2.13 -15.11
CA ALA B 358 14.32 3.13 -15.92
C ALA B 358 15.39 3.85 -15.11
N TYR B 359 15.05 4.25 -13.90
CA TYR B 359 16.00 5.00 -13.08
C TYR B 359 17.13 4.13 -12.57
N GLN B 360 16.85 2.87 -12.30
CA GLN B 360 17.93 1.95 -11.93
C GLN B 360 18.91 1.77 -13.09
N GLN B 361 18.39 1.64 -14.31
CA GLN B 361 19.27 1.53 -15.47
C GLN B 361 20.07 2.80 -15.67
N THR B 362 19.42 3.96 -15.51
CA THR B 362 20.12 5.22 -15.70
C THR B 362 21.25 5.39 -14.70
N SER B 363 21.01 5.04 -13.43
CA SER B 363 22.05 5.15 -12.42
C SER B 363 23.20 4.18 -12.66
N ALA B 364 22.96 3.09 -13.40
CA ALA B 364 24.01 2.12 -13.64
C ALA B 364 25.08 2.68 -14.57
N PHE B 365 26.27 2.12 -14.47
CA PHE B 365 27.39 2.55 -15.29
C PHE B 365 27.06 2.37 -16.77
N ALA B 366 27.91 2.96 -17.62
CA ALA B 366 27.78 2.86 -19.07
C ALA B 366 29.11 2.39 -19.64
N ARG B 367 29.13 1.17 -20.17
CA ARG B 367 30.36 0.66 -20.78
C ARG B 367 30.69 1.40 -22.06
N GLN B 368 29.69 1.73 -22.86
CA GLN B 368 29.86 2.42 -24.12
C GLN B 368 28.85 3.57 -24.22
N PRO B 369 29.15 4.58 -25.04
CA PRO B 369 28.16 5.65 -25.23
C PRO B 369 26.83 5.15 -25.77
N ARG B 370 26.87 4.12 -26.62
CA ARG B 370 25.63 3.54 -27.12
C ARG B 370 24.77 3.03 -25.96
N ASP B 371 25.41 2.43 -24.95
CA ASP B 371 24.65 1.91 -23.82
C ASP B 371 23.90 3.01 -23.08
N GLU B 372 24.61 4.08 -22.71
CA GLU B 372 23.94 5.16 -21.98
C GLU B 372 22.89 5.83 -22.85
N LEU B 373 23.17 5.98 -24.15
CA LEU B 373 22.18 6.55 -25.05
C LEU B 373 20.91 5.72 -25.04
N GLU B 374 21.04 4.40 -25.21
CA GLU B 374 19.87 3.54 -25.23
C GLU B 374 19.14 3.56 -23.90
N ARG B 375 19.91 3.66 -22.79
CA ARG B 375 19.32 3.70 -21.44
C ARG B 375 18.52 4.97 -21.27
N VAL B 376 18.96 6.10 -21.83
CA VAL B 376 18.19 7.34 -21.85
C VAL B 376 16.95 7.18 -22.72
N ARG B 377 17.11 6.52 -23.87
CA ARG B 377 15.99 6.33 -24.78
C ARG B 377 14.87 5.55 -24.10
N VAL B 378 15.22 4.44 -23.43
CA VAL B 378 14.18 3.61 -22.83
C VAL B 378 13.53 4.34 -21.67
N SER B 379 14.32 5.03 -20.85
CA SER B 379 13.73 5.79 -19.76
C SER B 379 12.74 6.81 -20.29
N CYS B 380 13.15 7.57 -21.32
CA CYS B 380 12.29 8.59 -21.88
C CYS B 380 11.04 7.96 -22.47
N THR B 381 11.18 6.80 -23.12
CA THR B 381 10.02 6.13 -23.68
C THR B 381 9.04 5.74 -22.59
N ILE B 382 9.54 5.24 -21.46
CA ILE B 382 8.66 4.83 -20.38
C ILE B 382 7.92 6.03 -19.82
N ILE B 383 8.63 7.13 -19.56
CA ILE B 383 7.95 8.33 -19.06
C ILE B 383 6.93 8.82 -20.08
N PHE B 384 7.32 8.81 -21.35
CA PHE B 384 6.42 9.30 -22.39
C PHE B 384 5.14 8.49 -22.43
N LEU B 385 5.25 7.17 -22.37
CA LEU B 385 4.06 6.32 -22.37
C LEU B 385 3.21 6.60 -21.13
N ALA B 386 3.84 6.56 -19.96
CA ALA B 386 3.10 6.76 -18.72
C ALA B 386 2.33 8.06 -18.71
N SER B 387 2.86 9.10 -19.35
CA SER B 387 2.19 10.39 -19.38
C SER B 387 1.22 10.54 -20.55
N ILE B 388 1.56 9.99 -21.72
CA ILE B 388 0.70 10.19 -22.88
C ILE B 388 -0.59 9.42 -22.67
N PHE B 389 -0.56 8.32 -21.93
CA PHE B 389 -1.82 7.62 -21.68
C PHE B 389 -2.75 8.47 -20.81
N GLN B 390 -2.20 9.16 -19.81
CA GLN B 390 -3.01 10.10 -19.04
C GLN B 390 -3.53 11.21 -19.93
N LEU B 391 -2.69 11.72 -20.83
CA LEU B 391 -3.13 12.77 -21.74
C LEU B 391 -4.26 12.27 -22.63
N ALA B 392 -4.16 11.02 -23.10
CA ALA B 392 -5.22 10.44 -23.91
C ALA B 392 -6.51 10.29 -23.11
N MET B 393 -6.40 9.92 -21.84
CA MET B 393 -7.58 9.88 -20.98
C MET B 393 -8.21 11.26 -20.87
N TRP B 394 -7.36 12.28 -20.73
CA TRP B 394 -7.85 13.65 -20.62
C TRP B 394 -8.58 14.07 -21.90
N THR B 395 -8.01 13.75 -23.06
CA THR B 395 -8.64 14.11 -24.33
C THR B 395 -9.94 13.35 -24.53
N THR B 396 -9.95 12.06 -24.23
CA THR B 396 -11.18 11.29 -24.30
C THR B 396 -12.24 11.90 -23.40
N ALA B 397 -11.83 12.38 -22.23
CA ALA B 397 -12.76 13.09 -21.36
C ALA B 397 -13.29 14.34 -22.04
N LEU B 398 -12.40 15.12 -22.66
CA LEU B 398 -12.87 16.30 -23.40
C LEU B 398 -13.91 15.91 -24.43
N LEU B 399 -13.77 14.73 -25.03
CA LEU B 399 -14.72 14.30 -26.05
C LEU B 399 -16.14 14.15 -25.50
N HIS B 400 -16.30 14.09 -24.18
CA HIS B 400 -17.62 13.98 -23.56
C HIS B 400 -17.70 14.88 -22.32
N GLN B 401 -16.94 15.98 -22.35
CA GLN B 401 -16.93 16.93 -21.23
C GLN B 401 -18.33 17.15 -20.67
N ALA B 402 -19.35 17.19 -21.53
CA ALA B 402 -20.70 17.45 -21.07
C ALA B 402 -21.16 16.42 -20.05
N GLU B 403 -20.57 15.23 -20.10
CA GLU B 403 -21.01 14.13 -19.24
C GLU B 403 -19.94 13.74 -18.23
N THR B 404 -18.68 14.03 -18.52
CA THR B 404 -17.57 13.50 -17.73
C THR B 404 -16.79 14.54 -16.94
N LEU B 405 -16.64 15.76 -17.45
CA LEU B 405 -15.77 16.76 -16.84
C LEU B 405 -16.57 17.91 -16.23
N GLN B 406 -15.97 18.52 -15.22
CA GLN B 406 -16.57 19.70 -14.60
C GLN B 406 -16.57 20.86 -15.59
N PRO B 407 -17.53 21.78 -15.49
CA PRO B 407 -17.52 22.96 -16.38
C PRO B 407 -16.21 23.73 -16.31
N SER B 408 -15.55 23.75 -15.15
CA SER B 408 -14.36 24.56 -14.99
C SER B 408 -13.24 24.15 -15.93
N VAL B 409 -13.29 22.94 -16.50
CA VAL B 409 -12.22 22.45 -17.37
C VAL B 409 -12.77 22.19 -18.76
N TRP B 410 -14.03 22.57 -19.00
CA TRP B 410 -14.57 22.45 -20.35
C TRP B 410 -13.78 23.34 -21.31
N PHE B 411 -14.04 23.15 -22.59
CA PHE B 411 -13.36 23.96 -23.60
C PHE B 411 -13.61 25.45 -23.33
N GLY B 412 -12.53 26.21 -23.33
CA GLY B 412 -12.63 27.62 -22.98
C GLY B 412 -12.77 27.87 -21.50
N GLY B 413 -12.60 26.85 -20.66
CA GLY B 413 -12.71 27.03 -19.24
C GLY B 413 -11.52 27.77 -18.65
N ARG B 414 -11.69 28.25 -17.42
CA ARG B 414 -10.64 29.02 -16.77
C ARG B 414 -9.37 28.20 -16.62
N GLU B 415 -9.49 26.96 -16.17
CA GLU B 415 -8.35 26.08 -15.97
C GLU B 415 -8.14 25.10 -17.12
N HIS B 416 -8.91 25.22 -18.20
CA HIS B 416 -8.76 24.30 -19.32
C HIS B 416 -7.32 24.31 -19.83
N VAL B 417 -6.79 25.51 -20.11
CA VAL B 417 -5.40 25.62 -20.54
C VAL B 417 -4.47 25.14 -19.44
N LEU B 418 -4.77 25.51 -18.20
CA LEU B 418 -3.93 25.09 -17.08
C LEU B 418 -3.92 23.57 -16.96
N MET B 419 -5.08 22.94 -17.06
CA MET B 419 -5.16 21.47 -16.95
C MET B 419 -4.38 20.82 -18.08
N PHE B 420 -4.58 21.30 -19.32
CA PHE B 420 -3.90 20.69 -20.46
C PHE B 420 -2.39 20.83 -20.32
N ALA B 421 -1.92 22.00 -19.89
CA ALA B 421 -0.48 22.18 -19.70
C ALA B 421 0.03 21.28 -18.58
N LYS B 422 -0.69 21.21 -17.47
CA LYS B 422 -0.28 20.36 -16.37
C LYS B 422 -0.05 18.94 -16.83
N LEU B 423 -0.96 18.41 -17.65
CA LEU B 423 -0.79 17.04 -18.13
C LEU B 423 0.32 16.94 -19.16
N ALA B 424 0.30 17.79 -20.18
CA ALA B 424 1.21 17.65 -21.31
C ALA B 424 2.64 18.05 -20.97
N LEU B 425 2.87 18.59 -19.77
CA LEU B 425 4.24 18.99 -19.42
C LEU B 425 5.22 17.82 -19.51
N TYR B 426 4.97 16.73 -18.79
CA TYR B 426 5.93 15.60 -18.77
C TYR B 426 6.13 14.82 -20.13
N PRO B 427 5.03 14.42 -20.87
CA PRO B 427 5.30 13.69 -22.13
C PRO B 427 6.10 14.51 -23.11
N CYS B 428 5.85 15.82 -23.20
CA CYS B 428 6.61 16.66 -24.11
C CYS B 428 8.07 16.74 -23.70
N ALA B 429 8.33 16.87 -22.39
CA ALA B 429 9.71 16.91 -21.93
C ALA B 429 10.43 15.61 -22.25
N SER B 430 9.76 14.48 -22.03
CA SER B 430 10.36 13.20 -22.36
C SER B 430 10.62 13.07 -23.85
N LEU B 431 9.68 13.52 -24.69
CA LEU B 431 9.86 13.46 -26.12
C LEU B 431 11.04 14.32 -26.56
N LEU B 432 11.18 15.51 -25.98
CA LEU B 432 12.31 16.38 -26.32
C LEU B 432 13.63 15.74 -25.92
N ALA B 433 13.70 15.19 -24.71
CA ALA B 433 14.91 14.51 -24.28
C ALA B 433 15.21 13.28 -25.15
N PHE B 434 14.17 12.63 -25.67
CA PHE B 434 14.37 11.50 -26.57
C PHE B 434 14.95 11.96 -27.90
N ALA B 435 14.40 13.04 -28.46
CA ALA B 435 14.92 13.57 -29.72
C ALA B 435 16.36 14.07 -29.55
N SER B 436 16.70 14.55 -28.35
CA SER B 436 18.06 14.99 -28.10
C SER B 436 19.07 13.88 -28.40
N THR B 437 18.69 12.63 -28.10
CA THR B 437 19.60 11.51 -28.40
C THR B 437 19.82 11.38 -29.90
N CYS B 438 18.76 11.53 -30.69
CA CYS B 438 18.87 11.41 -32.14
C CYS B 438 19.55 12.61 -32.79
N LEU B 439 19.58 13.76 -32.11
CA LEU B 439 20.14 14.97 -32.69
C LEU B 439 21.30 15.56 -31.90
N LEU B 440 21.30 15.42 -30.58
CA LEU B 440 22.30 16.07 -29.72
C LEU B 440 22.95 15.04 -28.79
N SER B 441 23.43 13.94 -29.36
CA SER B 441 23.98 12.86 -28.55
C SER B 441 25.07 13.35 -27.61
N ARG B 442 25.77 14.43 -27.97
CA ARG B 442 26.87 14.91 -27.14
C ARG B 442 26.39 15.23 -25.73
N PHE B 443 25.30 15.98 -25.60
CA PHE B 443 24.77 16.39 -24.31
C PHE B 443 23.55 15.59 -23.89
N SER B 444 23.20 14.54 -24.64
CA SER B 444 21.95 13.84 -24.41
C SER B 444 21.74 13.53 -22.93
N VAL B 445 22.69 12.81 -22.32
CA VAL B 445 22.53 12.41 -20.93
C VAL B 445 22.28 13.63 -20.06
N GLY B 446 23.10 14.68 -20.21
CA GLY B 446 22.87 15.88 -19.42
C GLY B 446 21.48 16.42 -19.60
N ILE B 447 21.01 16.47 -20.85
CA ILE B 447 19.67 16.97 -21.11
C ILE B 447 18.64 16.17 -20.32
N PHE B 448 18.80 14.84 -20.26
CA PHE B 448 17.88 14.06 -19.44
C PHE B 448 17.87 14.56 -18.01
N HIS B 449 19.06 14.73 -17.41
CA HIS B 449 19.12 15.29 -16.07
C HIS B 449 18.45 16.65 -16.01
N LEU B 450 18.62 17.46 -17.05
CA LEU B 450 17.93 18.74 -17.10
C LEU B 450 16.42 18.54 -17.02
N MET B 451 15.88 17.57 -17.77
CA MET B 451 14.45 17.31 -17.70
C MET B 451 14.04 16.87 -16.30
N GLN B 452 14.95 16.23 -15.55
CA GLN B 452 14.64 15.85 -14.19
C GLN B 452 14.58 17.06 -13.28
N ILE B 453 15.33 18.11 -13.61
CA ILE B 453 15.32 19.32 -12.78
C ILE B 453 14.25 20.29 -13.25
N ALA B 454 14.10 20.45 -14.56
CA ALA B 454 13.19 21.47 -15.08
C ALA B 454 11.73 21.14 -14.76
N VAL B 455 11.31 19.89 -14.96
CA VAL B 455 9.91 19.52 -14.87
C VAL B 455 9.36 19.82 -13.48
N PRO B 456 10.05 19.45 -12.40
CA PRO B 456 9.59 19.88 -11.06
C PRO B 456 9.32 21.37 -10.98
N CYS B 457 10.31 22.19 -11.31
CA CYS B 457 10.11 23.64 -11.27
C CYS B 457 8.94 24.06 -12.15
N ALA B 458 8.85 23.47 -13.35
CA ALA B 458 7.75 23.81 -14.24
C ALA B 458 6.40 23.56 -13.56
N PHE B 459 6.32 22.53 -12.71
CA PHE B 459 5.08 22.28 -11.98
C PHE B 459 4.86 23.33 -10.89
N LEU B 460 5.93 23.78 -10.24
CA LEU B 460 5.80 24.84 -9.25
C LEU B 460 5.32 26.13 -9.91
N LEU B 461 5.93 26.51 -11.02
CA LEU B 461 5.66 27.77 -11.69
C LEU B 461 4.60 27.66 -12.77
N LEU B 462 3.97 26.49 -12.93
CA LEU B 462 3.06 26.28 -14.05
C LEU B 462 2.01 27.37 -14.11
N ARG B 463 1.32 27.64 -13.00
CA ARG B 463 0.25 28.63 -13.02
C ARG B 463 0.76 29.98 -13.48
N LEU B 464 2.00 30.34 -13.12
CA LEU B 464 2.61 31.53 -13.69
C LEU B 464 3.02 31.31 -15.14
N LEU B 465 3.71 30.19 -15.41
CA LEU B 465 4.25 29.96 -16.74
C LEU B 465 3.17 30.01 -17.80
N VAL B 466 2.03 29.34 -17.55
CA VAL B 466 0.95 29.37 -18.52
C VAL B 466 0.57 30.82 -18.82
N GLY B 467 0.39 31.63 -17.78
CA GLY B 467 0.10 33.04 -18.01
C GLY B 467 1.15 33.69 -18.87
N LEU B 468 2.42 33.45 -18.56
CA LEU B 468 3.49 33.94 -19.42
C LEU B 468 3.27 33.51 -20.86
N ALA B 469 3.01 32.23 -21.08
CA ALA B 469 2.70 31.77 -22.43
C ALA B 469 1.54 32.56 -23.02
N LEU B 470 0.46 32.72 -22.25
CA LEU B 470 -0.66 33.52 -22.73
C LEU B 470 -0.22 34.94 -23.03
N ALA B 471 0.63 35.51 -22.16
CA ALA B 471 1.16 36.84 -22.42
C ALA B 471 1.81 36.89 -23.79
N THR B 472 2.57 35.85 -24.15
CA THR B 472 3.16 35.82 -25.49
C THR B 472 2.08 35.91 -26.55
N LEU B 473 1.04 35.10 -26.42
CA LEU B 473 -0.06 35.10 -27.38
C LEU B 473 -0.86 36.40 -27.34
N ARG B 474 -0.53 37.32 -26.43
CA ARG B 474 -1.10 38.66 -26.44
C ARG B 474 -0.21 39.67 -27.15
N VAL B 475 1.11 39.46 -27.14
CA VAL B 475 2.00 40.39 -27.82
C VAL B 475 2.30 39.93 -29.24
N LEU B 476 2.09 38.65 -29.54
CA LEU B 476 2.33 38.12 -30.87
C LEU B 476 1.15 38.40 -31.78
C13 A1ETD C . -13.49 -21.44 6.31
C15 A1ETD C . -10.82 -17.46 5.16
C17 A1ETD C . -10.24 -15.12 5.62
C24 A1ETD C . -4.25 -23.46 8.92
C26 A1ETD C . -3.22 -25.73 8.43
C01 A1ETD C . -7.52 -22.55 6.09
C02 A1ETD C . -7.25 -21.96 7.33
C03 A1ETD C . -7.85 -20.73 7.69
C04 A1ETD C . -8.70 -20.09 6.77
C05 A1ETD C . -8.97 -20.66 5.52
C06 A1ETD C . -8.38 -21.90 5.17
C07 A1ETD C . -9.50 -18.74 6.87
C08 A1ETD C . -10.55 -18.83 5.75
C09 A1ETD C . -9.93 -19.75 4.75
C11 A1ETD C . -11.86 -19.45 6.32
C12 A1ETD C . -12.13 -20.88 5.80
C14 A1ETD C . -14.29 -22.12 5.19
C16 A1ETD C . -9.64 -16.34 5.66
C18 A1ETD C . -11.80 -15.40 5.88
C19 A1ETD C . -12.00 -17.00 5.61
C23 A1ETD C . -5.02 -22.59 7.89
C25 A1ETD C . -3.07 -24.22 8.28
N27 A1ETD C . -2.52 -26.69 7.76
N28 A1ETD C . -2.95 -27.89 8.18
N29 A1ETD C . -3.89 -27.71 9.08
N30 A1ETD C . -4.08 -26.39 9.26
O10 A1ETD C . -10.13 -19.76 3.59
O22 A1ETD C . -6.39 -22.62 8.24
CL20 A1ETD C . -6.77 -24.10 5.64
CL21 A1ETD C . -8.71 -22.63 3.58
C13 A1ETD D . 12.42 21.60 -5.89
C15 A1ETD D . 10.70 17.26 -5.01
C17 A1ETD D . 8.95 15.55 -5.19
C24 A1ETD D . 18.87 15.23 -9.52
C26 A1ETD D . 21.09 14.43 -10.42
C01 A1ETD D . 16.41 16.90 -7.04
C02 A1ETD D . 15.81 16.36 -8.19
C03 A1ETD D . 14.40 16.32 -8.30
C04 A1ETD D . 13.60 16.81 -7.25
C05 A1ETD D . 14.20 17.34 -6.10
C06 A1ETD D . 15.62 17.39 -5.99
C07 A1ETD D . 12.04 16.90 -7.08
C08 A1ETD D . 11.81 17.81 -5.88
C09 A1ETD D . 13.11 17.81 -5.13
C11 A1ETD D . 11.47 19.25 -6.34
C12 A1ETD D . 12.71 20.17 -6.43
C14 A1ETD D . 13.69 22.28 -5.37
C16 A1ETD D . 10.25 15.71 -5.56
C18 A1ETD D . 8.33 17.04 -5.16
C19 A1ETD D . 9.59 18.05 -5.14
C23 A1ETD D . 17.49 14.81 -8.95
C25 A1ETD D . 19.63 14.06 -10.15
N27 A1ETD D . 22.02 13.70 -11.08
N28 A1ETD D . 23.16 14.39 -11.10
N29 A1ETD D . 22.98 15.54 -10.49
N30 A1ETD D . 21.70 15.60 -10.06
O10 A1ETD D . 13.26 18.10 -3.99
O22 A1ETD D . 16.60 15.87 -9.26
CL20 A1ETD D . 18.18 16.97 -6.88
CL21 A1ETD D . 16.37 18.07 -4.53
#